data_9FL8
#
_entry.id   9FL8
#
_cell.length_a   106.562
_cell.length_b   106.562
_cell.length_c   262.572
_cell.angle_alpha   90.00
_cell.angle_beta   90.00
_cell.angle_gamma   120.00
#
_symmetry.space_group_name_H-M   'P 32 2 1'
#
loop_
_entity.id
_entity.type
_entity.pdbx_description
1 polymer 'Protein bag of marbles'
2 polymer 'CCR4-NOT transcription complex subunit 9'
3 polymer 'CCR4-NOT transcription complex subunit 1'
4 non-polymer 1,4-BUTANEDIOL
5 water water
#
loop_
_entity_poly.entity_id
_entity_poly.type
_entity_poly.pdbx_seq_one_letter_code
_entity_poly.pdbx_strand_id
1 'polypeptide(L)' (ACE)LD(MK8)NFK(MK8)(NLE)EEHLAL(NLE)VE(NH2) G,F
2 'polypeptide(L)'
;GPHMLEREKIYQWINELSSPETRENALLELSKKRESVPDLAPMLWHSFGTIAALLQEIVNIYPSINPPTLTAHQSNRVCN
ALALLQCVASHPETRSAFLAAHIPLFLYPFLHTVSKTRPFEYLRLTSLGVIGALVKTDEQEVINFLLTTEIIPLCLRIME
SGSELSKTVATFILQKILLDDTGLAYICQTYERFSHVAMILGKMVLQLSKEPSARLLKHVVRCYLRLSDNPRAREALRQC
LPDQLKDTTFAQVLKDDTTTKRWLAQLVKNLQE
;
B,C
3 'polypeptide(L)'
;GPHMLEVPPQPQYSYHDINVYSLAGLAPHITLNPTIPLFQAHPQLKQCVRQAIERAVQELVHPVVDRSIKIAMTTCEQIV
RKDFALDSEESRMRIAAHHMMRNLTAGMAMITCREPLLMSISTNLKNSFASALRTASPQQREMMDQAAAQLAQDNCELAC
CFIQKTAVEKAGPEMDKRLATEFELRKHARQEGRRYCDPVVLTYQAERMPEQIRLKVGGVDPKQLAVYEEFARNVPGFLP
TNDL
;
A,D
#
loop_
_chem_comp.id
_chem_comp.type
_chem_comp.name
_chem_comp.formula
ACE non-polymer 'ACETYL GROUP' 'C2 H4 O'
BU1 non-polymer 1,4-BUTANEDIOL 'C4 H10 O2'
NH2 non-polymer 'AMINO GROUP' 'H2 N'
#
# COMPACT_ATOMS: atom_id res chain seq x y z
N LEU A 2 22.47 16.82 27.10
CA LEU A 2 21.81 15.56 26.82
C LEU A 2 21.71 14.70 28.06
N ASP A 3 22.81 14.62 28.81
CA ASP A 3 22.92 13.75 29.98
C ASP A 3 21.77 13.96 30.97
C MK8 A 4 19.00 14.91 31.49
N MK8 A 4 21.43 15.22 31.21
O MK8 A 4 18.36 14.18 32.28
CA MK8 A 4 20.26 15.62 32.03
CB MK8 A 4 20.10 17.16 32.02
CD MK8 A 4 17.85 17.47 33.28
CE MK8 A 4 16.41 17.88 33.11
CG MK8 A 4 18.68 17.72 32.03
CB1 MK8 A 4 20.51 15.17 33.48
N ASN A 5 18.67 15.10 30.22
CA ASN A 5 17.48 14.50 29.64
C ASN A 5 17.61 12.97 29.57
N PHE A 6 18.85 12.50 29.37
CA PHE A 6 19.09 11.07 29.36
C PHE A 6 18.78 10.45 30.72
N LYS A 7 19.20 11.12 31.80
CA LYS A 7 18.93 10.64 33.15
C LYS A 7 17.44 10.63 33.43
C MK8 A 8 14.53 10.94 32.66
N MK8 A 8 16.81 11.79 33.23
O MK8 A 8 13.64 10.33 33.27
CA MK8 A 8 15.35 11.99 33.45
CB MK8 A 8 14.95 13.42 33.06
CD MK8 A 8 14.92 15.92 33.66
CE MK8 A 8 15.80 16.63 32.67
CG MK8 A 8 15.36 14.53 34.02
CB1 MK8 A 8 15.06 11.82 34.94
N NLE A 9 14.84 10.72 31.38
CA NLE A 9 14.13 9.73 30.59
C NLE A 9 14.29 8.32 31.16
O NLE A 9 13.36 7.53 31.17
CB NLE A 9 14.59 9.76 29.13
CG NLE A 9 13.99 8.67 28.26
CD NLE A 9 12.48 8.79 28.14
CE NLE A 9 12.08 9.91 27.20
N GLU A 10 15.50 8.02 31.66
CA GLU A 10 15.77 6.72 32.24
C GLU A 10 14.92 6.47 33.48
N GLU A 11 14.71 7.53 34.28
CA GLU A 11 13.83 7.43 35.43
C GLU A 11 12.37 7.24 34.99
N HIS A 12 11.94 8.03 34.00
CA HIS A 12 10.57 7.94 33.52
C HIS A 12 10.27 6.57 32.94
N LEU A 13 11.17 6.03 32.13
CA LEU A 13 10.92 4.74 31.50
C LEU A 13 10.84 3.62 32.52
N ALA A 14 11.76 3.61 33.50
CA ALA A 14 11.74 2.57 34.51
C ALA A 14 10.45 2.57 35.32
N LEU A 15 9.81 3.73 35.43
CA LEU A 15 8.55 3.85 36.16
C LEU A 15 7.38 3.33 35.33
N NLE A 16 7.42 3.60 34.02
CA NLE A 16 6.34 3.20 33.12
C NLE A 16 6.20 1.69 33.03
O NLE A 16 5.09 1.15 33.09
CB NLE A 16 6.56 3.79 31.74
CG NLE A 16 5.50 3.39 30.71
CD NLE A 16 5.75 4.04 29.36
CE NLE A 16 7.09 3.62 28.77
N VAL A 17 7.33 1.00 32.87
CA VAL A 17 7.32 -0.45 32.71
C VAL A 17 6.75 -1.16 33.92
N GLU A 18 6.77 -0.50 35.07
CA GLU A 18 6.26 -1.07 36.31
C GLU A 18 4.84 -0.56 36.60
C ACE B 1 -28.24 -12.44 -25.19
O ACE B 1 -28.47 -11.27 -24.82
CH3 ACE B 1 -29.32 -13.47 -25.34
N LEU B 2 -27.03 -12.87 -25.46
CA LEU B 2 -25.85 -12.03 -25.37
C LEU B 2 -25.67 -11.25 -26.67
N ASP B 3 -26.18 -11.83 -27.74
CA ASP B 3 -25.97 -11.35 -29.11
C ASP B 3 -26.31 -9.88 -29.27
C MK8 B 4 -27.03 -7.24 -28.27
N MK8 B 4 -27.56 -9.52 -28.99
O MK8 B 4 -26.42 -6.35 -28.89
CA MK8 B 4 -28.03 -8.11 -29.04
CB MK8 B 4 -29.46 -7.97 -28.50
CD MK8 B 4 -29.83 -5.77 -27.23
CE MK8 B 4 -30.31 -4.34 -27.28
CG MK8 B 4 -30.10 -6.58 -28.48
CB1 MK8 B 4 -28.05 -7.67 -30.52
N ASN B 5 -26.84 -7.51 -26.98
CA ASN B 5 -25.98 -6.70 -26.13
C ASN B 5 -24.56 -6.62 -26.65
N PHE B 6 -24.06 -7.73 -27.19
CA PHE B 6 -22.74 -7.72 -27.81
C PHE B 6 -22.69 -6.75 -28.98
N LYS B 7 -23.70 -6.79 -29.85
CA LYS B 7 -23.70 -5.98 -31.05
C LYS B 7 -23.80 -4.49 -30.73
C MK8 B 8 -23.82 -2.16 -28.87
N MK8 B 8 -24.83 -4.12 -29.97
O MK8 B 8 -23.49 -0.97 -29.08
CA MK8 B 8 -25.07 -2.69 -29.60
CB MK8 B 8 -26.36 -2.53 -28.74
CD MK8 B 8 -27.75 -4.07 -27.29
CE MK8 B 8 -29.06 -3.34 -27.23
CG MK8 B 8 -26.46 -3.31 -27.44
CB1 MK8 B 8 -25.32 -1.89 -30.88
N NLE B 9 -23.12 -3.00 -28.10
CA NLE B 9 -21.91 -2.57 -27.40
C NLE B 9 -20.79 -2.28 -28.39
O NLE B 9 -19.95 -1.39 -28.17
CB NLE B 9 -21.46 -3.64 -26.40
CG NLE B 9 -21.06 -3.09 -25.04
CD NLE B 9 -19.55 -3.04 -24.90
CE NLE B 9 -19.09 -1.71 -24.31
N GLU B 10 -20.79 -3.01 -29.50
CA GLU B 10 -19.77 -2.84 -30.53
C GLU B 10 -19.98 -1.52 -31.27
N GLU B 11 -21.23 -1.26 -31.66
CA GLU B 11 -21.58 0.02 -32.26
C GLU B 11 -21.16 1.17 -31.35
N HIS B 12 -21.44 1.03 -30.05
CA HIS B 12 -21.12 2.09 -29.11
C HIS B 12 -19.63 2.35 -29.05
N LEU B 13 -18.84 1.28 -28.96
CA LEU B 13 -17.39 1.44 -28.94
C LEU B 13 -16.88 2.06 -30.24
N ALA B 14 -17.57 1.80 -31.36
CA ALA B 14 -17.15 2.36 -32.63
C ALA B 14 -17.20 3.89 -32.62
N LEU B 15 -18.24 4.47 -32.03
CA LEU B 15 -18.33 5.93 -31.93
C LEU B 15 -17.30 6.48 -30.98
N NLE B 16 -17.11 5.79 -29.88
CA NLE B 16 -16.32 6.30 -28.77
C NLE B 16 -14.89 6.66 -29.18
O NLE B 16 -14.42 7.77 -28.93
CB NLE B 16 -16.29 5.29 -27.62
CG NLE B 16 -15.83 5.87 -26.30
CD NLE B 16 -15.23 4.81 -25.42
CE NLE B 16 -16.18 3.62 -25.27
N VAL B 17 -14.22 5.70 -29.82
CA VAL B 17 -12.81 5.87 -30.16
C VAL B 17 -12.58 7.00 -31.18
N GLU B 18 -13.63 7.37 -31.91
CA GLU B 18 -13.51 8.43 -32.92
C GLU B 18 -14.07 9.75 -32.39
N GLY C 1 -47.89 12.42 -14.18
CA GLY C 1 -48.80 11.28 -14.17
C GLY C 1 -48.10 9.96 -14.39
N PRO C 2 -48.18 9.44 -15.63
CA PRO C 2 -47.43 8.23 -15.98
C PRO C 2 -45.96 8.28 -15.61
N HIS C 3 -45.35 9.48 -15.58
CA HIS C 3 -43.96 9.59 -15.18
C HIS C 3 -43.77 9.26 -13.71
N MET C 4 -44.76 9.58 -12.86
CA MET C 4 -44.63 9.31 -11.44
C MET C 4 -44.62 7.80 -11.17
N LEU C 5 -45.42 7.03 -11.91
CA LEU C 5 -45.34 5.58 -11.77
C LEU C 5 -44.00 5.07 -12.26
N GLU C 6 -43.47 5.68 -13.32
CA GLU C 6 -42.16 5.28 -13.82
C GLU C 6 -41.06 5.61 -12.81
N ARG C 7 -41.12 6.80 -12.20
CA ARG C 7 -40.14 7.15 -11.19
C ARG C 7 -40.17 6.17 -10.01
N GLU C 8 -41.37 5.78 -9.59
CA GLU C 8 -41.50 4.83 -8.49
C GLU C 8 -41.05 3.44 -8.89
N LYS C 9 -41.27 3.05 -10.15
CA LYS C 9 -40.77 1.76 -10.62
C LYS C 9 -39.25 1.71 -10.54
N ILE C 10 -38.58 2.80 -10.88
CA ILE C 10 -37.13 2.87 -10.72
C ILE C 10 -36.76 2.87 -9.24
N TYR C 11 -37.46 3.67 -8.44
CA TYR C 11 -37.18 3.74 -7.01
C TYR C 11 -37.20 2.35 -6.38
N GLN C 12 -38.21 1.55 -6.73
CA GLN C 12 -38.31 0.20 -6.16
C GLN C 12 -37.20 -0.70 -6.71
N TRP C 13 -36.90 -0.59 -8.01
CA TRP C 13 -35.84 -1.42 -8.59
C TRP C 13 -34.51 -1.17 -7.89
N ILE C 14 -34.15 0.11 -7.70
CA ILE C 14 -32.93 0.45 -6.97
C ILE C 14 -32.95 -0.22 -5.60
N ASN C 15 -34.07 -0.09 -4.88
CA ASN C 15 -34.20 -0.77 -3.59
C ASN C 15 -34.07 -2.28 -3.75
N GLU C 16 -34.55 -2.82 -4.86
CA GLU C 16 -34.51 -4.26 -5.09
C GLU C 16 -33.14 -4.76 -5.50
N LEU C 17 -32.17 -3.86 -5.73
CA LEU C 17 -30.81 -4.31 -6.01
C LEU C 17 -30.15 -4.93 -4.79
N SER C 18 -30.60 -4.59 -3.58
CA SER C 18 -29.94 -5.08 -2.37
C SER C 18 -30.05 -6.60 -2.25
N SER C 19 -31.27 -7.09 -2.08
CA SER C 19 -31.47 -8.53 -1.89
C SER C 19 -31.04 -9.30 -3.12
N PRO C 20 -30.29 -10.40 -2.96
CA PRO C 20 -29.89 -11.20 -4.13
C PRO C 20 -31.06 -11.88 -4.83
N GLU C 21 -32.21 -12.02 -4.17
CA GLU C 21 -33.35 -12.64 -4.82
C GLU C 21 -33.97 -11.73 -5.87
N THR C 22 -33.87 -10.41 -5.69
CA THR C 22 -34.52 -9.44 -6.56
C THR C 22 -33.53 -8.63 -7.38
N ARG C 23 -32.24 -8.96 -7.33
CA ARG C 23 -31.24 -8.15 -8.02
C ARG C 23 -31.28 -8.35 -9.52
N GLU C 24 -31.47 -9.60 -9.97
CA GLU C 24 -31.34 -9.90 -11.39
C GLU C 24 -32.34 -9.09 -12.21
N ASN C 25 -33.61 -9.08 -11.81
CA ASN C 25 -34.62 -8.32 -12.54
C ASN C 25 -34.31 -6.83 -12.51
N ALA C 26 -33.95 -6.31 -11.33
CA ALA C 26 -33.67 -4.88 -11.22
C ALA C 26 -32.38 -4.51 -11.97
N LEU C 27 -31.40 -5.41 -12.01
CA LEU C 27 -30.22 -5.17 -12.84
C LEU C 27 -30.61 -5.04 -14.30
N LEU C 28 -31.48 -5.93 -14.79
CA LEU C 28 -31.95 -5.85 -16.16
C LEU C 28 -32.74 -4.57 -16.39
N GLU C 29 -33.76 -4.33 -15.57
CA GLU C 29 -34.68 -3.24 -15.84
C GLU C 29 -34.02 -1.87 -15.69
N LEU C 30 -32.98 -1.76 -14.86
CA LEU C 30 -32.29 -0.49 -14.71
C LEU C 30 -31.22 -0.29 -15.77
N SER C 31 -30.57 -1.36 -16.23
CA SER C 31 -29.60 -1.22 -17.30
C SER C 31 -30.23 -0.79 -18.62
N LYS C 32 -31.56 -0.80 -18.71
CA LYS C 32 -32.27 -0.34 -19.89
C LYS C 32 -32.62 1.13 -19.83
N LYS C 33 -32.93 1.64 -18.64
CA LYS C 33 -33.28 3.05 -18.45
C LYS C 33 -32.08 3.91 -18.11
N ARG C 34 -30.87 3.40 -18.35
CA ARG C 34 -29.65 4.11 -17.95
C ARG C 34 -29.56 5.48 -18.62
N GLU C 35 -29.76 5.52 -19.94
CA GLU C 35 -29.81 6.79 -20.65
C GLU C 35 -31.16 7.47 -20.53
N SER C 36 -32.20 6.73 -20.14
CA SER C 36 -33.54 7.32 -20.06
C SER C 36 -33.66 8.27 -18.88
N VAL C 37 -33.17 7.89 -17.72
CA VAL C 37 -33.27 8.69 -16.51
C VAL C 37 -31.92 9.36 -16.25
N PRO C 38 -31.89 10.65 -15.90
CA PRO C 38 -30.61 11.35 -15.77
C PRO C 38 -29.92 11.11 -14.45
N ASP C 39 -30.70 11.16 -13.37
CA ASP C 39 -30.17 11.15 -12.01
C ASP C 39 -29.97 9.74 -11.46
N LEU C 40 -29.85 8.74 -12.33
CA LEU C 40 -29.65 7.38 -11.84
C LEU C 40 -28.35 7.26 -11.05
N ALA C 41 -27.28 7.85 -11.56
CA ALA C 41 -25.98 7.71 -10.90
C ALA C 41 -25.95 8.30 -9.50
N PRO C 42 -26.42 9.53 -9.26
CA PRO C 42 -26.47 10.00 -7.86
C PRO C 42 -27.36 9.13 -6.99
N MET C 43 -28.52 8.71 -7.51
CA MET C 43 -29.41 7.84 -6.74
C MET C 43 -28.76 6.50 -6.46
N LEU C 44 -28.04 5.94 -7.44
CA LEU C 44 -27.36 4.67 -7.24
C LEU C 44 -26.29 4.78 -6.16
N TRP C 45 -25.52 5.86 -6.18
CA TRP C 45 -24.43 6.02 -5.22
C TRP C 45 -24.95 6.25 -3.81
N HIS C 46 -25.84 7.23 -3.64
CA HIS C 46 -26.24 7.67 -2.31
C HIS C 46 -27.29 6.77 -1.66
N SER C 47 -27.83 5.79 -2.38
CA SER C 47 -28.73 4.83 -1.76
C SER C 47 -27.94 3.73 -1.07
N PHE C 48 -28.60 2.99 -0.19
CA PHE C 48 -27.91 2.04 0.66
C PHE C 48 -27.56 0.76 -0.09
N GLY C 49 -26.32 0.29 0.09
CA GLY C 49 -25.88 -1.00 -0.37
C GLY C 49 -25.88 -1.21 -1.87
N THR C 50 -26.36 -0.20 -2.61
CA THR C 50 -26.50 -0.36 -4.06
C THR C 50 -25.15 -0.49 -4.75
N ILE C 51 -24.20 0.40 -4.41
CA ILE C 51 -22.88 0.30 -5.02
C ILE C 51 -22.18 -0.97 -4.55
N ALA C 52 -22.42 -1.37 -3.28
CA ALA C 52 -21.87 -2.63 -2.80
C ALA C 52 -22.43 -3.81 -3.58
N ALA C 53 -23.72 -3.77 -3.92
CA ALA C 53 -24.33 -4.87 -4.66
C ALA C 53 -23.64 -5.10 -6.00
N LEU C 54 -23.42 -4.02 -6.75
CA LEU C 54 -22.74 -4.15 -8.04
C LEU C 54 -21.31 -4.65 -7.87
N LEU C 55 -20.63 -4.20 -6.82
CA LEU C 55 -19.28 -4.69 -6.55
C LEU C 55 -19.31 -6.19 -6.26
N GLN C 56 -20.35 -6.65 -5.55
CA GLN C 56 -20.50 -8.09 -5.33
C GLN C 56 -20.70 -8.82 -6.65
N GLU C 57 -21.57 -8.27 -7.52
CA GLU C 57 -21.80 -8.88 -8.83
C GLU C 57 -20.50 -9.09 -9.58
N ILE C 58 -19.55 -8.15 -9.44
CA ILE C 58 -18.27 -8.25 -10.13
C ILE C 58 -17.43 -9.36 -9.53
N VAL C 59 -17.22 -9.32 -8.21
CA VAL C 59 -16.39 -10.33 -7.57
C VAL C 59 -17.01 -11.71 -7.68
N ASN C 60 -18.34 -11.79 -7.76
CA ASN C 60 -19.02 -13.08 -7.79
C ASN C 60 -18.63 -13.93 -9.00
N ILE C 61 -18.12 -13.31 -10.06
CA ILE C 61 -17.72 -14.05 -11.25
C ILE C 61 -16.21 -14.28 -11.30
N TYR C 62 -15.47 -13.76 -10.33
CA TYR C 62 -14.03 -14.00 -10.25
C TYR C 62 -13.65 -15.47 -10.28
N PRO C 63 -14.36 -16.40 -9.62
CA PRO C 63 -14.02 -17.82 -9.77
C PRO C 63 -14.10 -18.32 -11.20
N SER C 64 -15.01 -17.80 -12.00
CA SER C 64 -15.16 -18.23 -13.40
C SER C 64 -14.07 -17.67 -14.31
N ILE C 65 -13.11 -16.93 -13.77
CA ILE C 65 -12.03 -16.35 -14.59
C ILE C 65 -10.88 -17.34 -14.76
N ASN C 66 -10.39 -17.90 -13.65
CA ASN C 66 -9.27 -18.84 -13.69
C ASN C 66 -9.59 -20.04 -12.82
N PRO C 67 -9.89 -21.21 -13.39
CA PRO C 67 -10.00 -21.52 -14.83
C PRO C 67 -11.20 -20.85 -15.48
N PRO C 68 -11.10 -20.53 -16.77
CA PRO C 68 -12.19 -19.80 -17.45
C PRO C 68 -13.44 -20.65 -17.65
N THR C 69 -14.47 -20.38 -16.84
CA THR C 69 -15.76 -21.05 -16.93
C THR C 69 -16.90 -20.04 -16.99
N LEU C 70 -16.71 -18.96 -17.75
CA LEU C 70 -17.67 -17.87 -17.78
C LEU C 70 -18.79 -18.19 -18.75
N THR C 71 -20.01 -18.34 -18.22
CA THR C 71 -21.17 -18.61 -19.05
C THR C 71 -21.67 -17.34 -19.73
N ALA C 72 -22.65 -17.51 -20.62
CA ALA C 72 -23.28 -16.35 -21.25
C ALA C 72 -24.20 -15.63 -20.28
N HIS C 73 -24.91 -16.39 -19.44
CA HIS C 73 -25.76 -15.76 -18.44
C HIS C 73 -24.94 -14.99 -17.43
N GLN C 74 -23.82 -15.57 -16.98
CA GLN C 74 -22.91 -14.85 -16.10
C GLN C 74 -22.43 -13.55 -16.74
N SER C 75 -22.05 -13.62 -18.01
CA SER C 75 -21.45 -12.46 -18.68
C SER C 75 -22.47 -11.34 -18.85
N ASN C 76 -23.67 -11.67 -19.32
CA ASN C 76 -24.69 -10.65 -19.51
C ASN C 76 -25.12 -10.05 -18.18
N ARG C 77 -25.20 -10.89 -17.13
CA ARG C 77 -25.63 -10.40 -15.84
C ARG C 77 -24.61 -9.43 -15.23
N VAL C 78 -23.34 -9.82 -15.22
CA VAL C 78 -22.32 -8.99 -14.59
C VAL C 78 -22.05 -7.73 -15.41
N CYS C 79 -22.30 -7.78 -16.72
CA CYS C 79 -22.11 -6.59 -17.55
C CYS C 79 -23.24 -5.59 -17.36
N ASN C 80 -24.45 -6.07 -17.09
CA ASN C 80 -25.55 -5.16 -16.80
C ASN C 80 -25.27 -4.34 -15.55
N ALA C 81 -24.57 -4.92 -14.57
CA ALA C 81 -24.11 -4.14 -13.43
C ALA C 81 -22.96 -3.23 -13.82
N LEU C 82 -22.06 -3.72 -14.68
CA LEU C 82 -21.01 -2.86 -15.22
C LEU C 82 -21.59 -1.68 -15.98
N ALA C 83 -22.72 -1.89 -16.66
CA ALA C 83 -23.39 -0.79 -17.34
C ALA C 83 -23.86 0.26 -16.33
N LEU C 84 -24.45 -0.17 -15.22
CA LEU C 84 -24.88 0.78 -14.20
C LEU C 84 -23.69 1.47 -13.55
N LEU C 85 -22.56 0.77 -13.41
CA LEU C 85 -21.37 1.41 -12.87
C LEU C 85 -20.80 2.44 -13.85
N GLN C 86 -20.96 2.19 -15.15
CA GLN C 86 -20.55 3.19 -16.13
C GLN C 86 -21.42 4.44 -16.02
N CYS C 87 -22.71 4.27 -15.71
CA CYS C 87 -23.56 5.43 -15.49
C CYS C 87 -23.09 6.24 -14.30
N VAL C 88 -22.70 5.56 -13.22
CA VAL C 88 -22.15 6.27 -12.07
C VAL C 88 -20.85 6.97 -12.44
N ALA C 89 -19.99 6.29 -13.19
CA ALA C 89 -18.71 6.87 -13.58
C ALA C 89 -18.86 7.99 -14.60
N SER C 90 -19.99 8.05 -15.31
CA SER C 90 -20.17 9.09 -16.32
C SER C 90 -20.71 10.37 -15.70
N HIS C 91 -21.71 10.25 -14.83
CA HIS C 91 -22.35 11.43 -14.25
C HIS C 91 -21.33 12.25 -13.46
N PRO C 92 -21.23 13.55 -13.71
CA PRO C 92 -20.25 14.35 -12.95
C PRO C 92 -20.51 14.37 -11.46
N GLU C 93 -21.77 14.30 -11.03
CA GLU C 93 -22.05 14.35 -9.60
C GLU C 93 -21.35 13.24 -8.83
N THR C 94 -21.11 12.10 -9.47
CA THR C 94 -20.60 10.93 -8.77
C THR C 94 -19.22 10.48 -9.23
N ARG C 95 -18.64 11.10 -10.27
CA ARG C 95 -17.42 10.56 -10.86
C ARG C 95 -16.27 10.54 -9.86
N SER C 96 -16.06 11.65 -9.14
CA SER C 96 -14.89 11.73 -8.27
C SER C 96 -15.00 10.79 -7.08
N ALA C 97 -16.17 10.74 -6.44
CA ALA C 97 -16.36 9.79 -5.35
C ALA C 97 -16.27 8.35 -5.86
N PHE C 98 -16.64 8.12 -7.12
CA PHE C 98 -16.51 6.80 -7.72
C PHE C 98 -15.04 6.42 -7.84
N LEU C 99 -14.20 7.34 -8.32
CA LEU C 99 -12.77 7.09 -8.37
C LEU C 99 -12.15 7.09 -6.98
N ALA C 100 -12.75 7.81 -6.03
CA ALA C 100 -12.22 7.85 -4.67
C ALA C 100 -12.26 6.47 -4.02
N ALA C 101 -13.27 5.66 -4.35
CA ALA C 101 -13.36 4.30 -3.85
C ALA C 101 -12.61 3.31 -4.72
N HIS C 102 -11.86 3.78 -5.72
CA HIS C 102 -11.02 2.92 -6.56
C HIS C 102 -11.84 1.80 -7.20
N ILE C 103 -13.09 2.10 -7.54
CA ILE C 103 -13.99 1.07 -8.07
C ILE C 103 -13.46 0.46 -9.36
N PRO C 104 -12.94 1.21 -10.33
CA PRO C 104 -12.40 0.57 -11.54
C PRO C 104 -11.30 -0.45 -11.28
N LEU C 105 -10.68 -0.43 -10.09
CA LEU C 105 -9.64 -1.40 -9.80
C LEU C 105 -10.16 -2.83 -9.83
N PHE C 106 -11.47 -3.03 -9.76
CA PHE C 106 -12.04 -4.37 -9.76
C PHE C 106 -12.46 -4.84 -11.14
N LEU C 107 -12.37 -3.99 -12.16
CA LEU C 107 -12.53 -4.44 -13.54
C LEU C 107 -11.20 -4.87 -14.15
N TYR C 108 -10.09 -4.45 -13.56
CA TYR C 108 -8.77 -4.85 -14.04
C TYR C 108 -8.60 -6.36 -14.13
N PRO C 109 -9.12 -7.18 -13.22
CA PRO C 109 -9.06 -8.63 -13.44
C PRO C 109 -9.67 -9.08 -14.76
N PHE C 110 -10.71 -8.38 -15.24
CA PHE C 110 -11.32 -8.76 -16.51
C PHE C 110 -10.42 -8.40 -17.68
N LEU C 111 -9.64 -7.32 -17.57
CA LEU C 111 -8.74 -6.94 -18.65
C LEU C 111 -7.54 -7.86 -18.76
N HIS C 112 -7.24 -8.64 -17.72
CA HIS C 112 -6.13 -9.58 -17.77
C HIS C 112 -6.47 -10.85 -18.55
N THR C 113 -7.75 -11.10 -18.80
CA THR C 113 -8.17 -12.34 -19.44
C THR C 113 -7.74 -12.38 -20.90
N VAL C 114 -7.84 -13.57 -21.49
CA VAL C 114 -7.37 -13.82 -22.85
C VAL C 114 -8.25 -14.86 -23.52
N SER C 115 -9.41 -15.14 -22.94
CA SER C 115 -10.16 -16.34 -23.30
C SER C 115 -10.71 -16.31 -24.72
N LYS C 116 -11.06 -15.13 -25.23
CA LYS C 116 -11.61 -14.91 -26.57
C LYS C 116 -12.98 -15.53 -26.76
N THR C 117 -13.57 -16.14 -25.74
CA THR C 117 -14.95 -16.58 -25.83
C THR C 117 -15.88 -15.38 -25.79
N ARG C 118 -17.00 -15.49 -26.50
CA ARG C 118 -17.97 -14.39 -26.54
C ARG C 118 -18.38 -13.89 -25.16
N PRO C 119 -18.60 -14.72 -24.14
CA PRO C 119 -18.83 -14.17 -22.79
C PRO C 119 -17.63 -13.41 -22.24
N PHE C 120 -16.41 -13.83 -22.59
CA PHE C 120 -15.24 -13.11 -22.12
C PHE C 120 -15.00 -11.85 -22.94
N GLU C 121 -15.26 -11.90 -24.24
CA GLU C 121 -15.10 -10.71 -25.07
C GLU C 121 -16.11 -9.63 -24.68
N TYR C 122 -17.36 -10.02 -24.44
CA TYR C 122 -18.35 -9.06 -23.94
C TYR C 122 -17.89 -8.43 -22.63
N LEU C 123 -17.38 -9.26 -21.71
CA LEU C 123 -16.85 -8.73 -20.46
C LEU C 123 -15.64 -7.82 -20.71
N ARG C 124 -14.75 -8.24 -21.61
CA ARG C 124 -13.56 -7.45 -21.90
C ARG C 124 -13.93 -6.08 -22.46
N LEU C 125 -14.87 -6.04 -23.41
CA LEU C 125 -15.23 -4.78 -24.05
C LEU C 125 -16.00 -3.89 -23.09
N THR C 126 -17.00 -4.44 -22.38
CA THR C 126 -17.78 -3.64 -21.44
C THR C 126 -16.90 -3.06 -20.35
N SER C 127 -15.89 -3.81 -19.91
CA SER C 127 -14.92 -3.26 -18.97
C SER C 127 -14.06 -2.18 -19.62
N LEU C 128 -13.64 -2.41 -20.86
CA LEU C 128 -12.90 -1.39 -21.58
C LEU C 128 -13.76 -0.15 -21.82
N GLY C 129 -15.04 -0.36 -22.12
CA GLY C 129 -15.93 0.77 -22.36
C GLY C 129 -16.05 1.68 -21.14
N VAL C 130 -16.04 1.09 -19.95
CA VAL C 130 -16.08 1.89 -18.73
C VAL C 130 -14.84 2.78 -18.63
N ILE C 131 -13.67 2.22 -18.95
CA ILE C 131 -12.45 3.02 -18.91
C ILE C 131 -12.46 4.06 -20.02
N GLY C 132 -12.86 3.66 -21.23
CA GLY C 132 -13.00 4.61 -22.32
C GLY C 132 -13.97 5.73 -22.00
N ALA C 133 -14.96 5.46 -21.15
CA ALA C 133 -15.85 6.53 -20.72
C ALA C 133 -15.13 7.54 -19.84
N LEU C 134 -14.28 7.06 -18.94
CA LEU C 134 -13.56 7.96 -18.04
C LEU C 134 -12.55 8.82 -18.81
N VAL C 135 -11.84 8.23 -19.75
CA VAL C 135 -10.81 8.98 -20.47
C VAL C 135 -11.42 10.03 -21.38
N LYS C 136 -12.69 9.86 -21.77
CA LYS C 136 -13.33 10.85 -22.64
C LYS C 136 -13.71 12.12 -21.90
N THR C 137 -13.91 12.04 -20.58
CA THR C 137 -14.15 13.25 -19.79
C THR C 137 -12.97 14.20 -19.80
N ASP C 138 -11.78 13.70 -20.09
CA ASP C 138 -10.56 14.52 -20.14
C ASP C 138 -10.30 15.23 -18.81
N GLU C 139 -10.77 14.65 -17.72
CA GLU C 139 -10.54 15.23 -16.40
C GLU C 139 -9.12 14.93 -15.93
N GLN C 140 -8.57 15.86 -15.15
CA GLN C 140 -7.22 15.66 -14.61
C GLN C 140 -7.19 14.47 -13.66
N GLU C 141 -8.23 14.31 -12.84
CA GLU C 141 -8.26 13.21 -11.88
C GLU C 141 -8.25 11.86 -12.57
N VAL C 142 -8.90 11.76 -13.73
CA VAL C 142 -8.96 10.50 -14.46
C VAL C 142 -7.57 10.07 -14.88
N ILE C 143 -6.82 10.99 -15.51
CA ILE C 143 -5.47 10.66 -15.95
C ILE C 143 -4.57 10.35 -14.76
N ASN C 144 -4.68 11.15 -13.69
CA ASN C 144 -3.85 10.93 -12.51
C ASN C 144 -4.16 9.61 -11.83
N PHE C 145 -5.42 9.15 -11.91
CA PHE C 145 -5.77 7.86 -11.35
C PHE C 145 -5.16 6.74 -12.18
N LEU C 146 -5.50 6.68 -13.48
CA LEU C 146 -5.14 5.52 -14.30
C LEU C 146 -3.64 5.26 -14.32
N LEU C 147 -2.83 6.33 -14.30
CA LEU C 147 -1.38 6.16 -14.31
C LEU C 147 -0.90 5.42 -13.07
N THR C 148 -1.49 5.74 -11.91
CA THR C 148 -1.03 5.15 -10.66
C THR C 148 -1.49 3.70 -10.50
N THR C 149 -2.59 3.33 -11.15
CA THR C 149 -3.17 2.00 -11.00
C THR C 149 -2.54 0.96 -11.91
N GLU C 150 -1.65 1.36 -12.82
CA GLU C 150 -1.04 0.43 -13.78
C GLU C 150 -2.11 -0.19 -14.68
N ILE C 151 -2.86 0.68 -15.36
CA ILE C 151 -3.72 0.22 -16.44
C ILE C 151 -2.96 0.18 -17.76
N ILE C 152 -1.92 1.01 -17.90
CA ILE C 152 -1.09 0.96 -19.10
C ILE C 152 -0.53 -0.44 -19.34
N PRO C 153 0.08 -1.12 -18.35
CA PRO C 153 0.51 -2.50 -18.60
C PRO C 153 -0.63 -3.44 -18.95
N LEU C 154 -1.85 -3.15 -18.49
CA LEU C 154 -3.00 -3.96 -18.86
C LEU C 154 -3.40 -3.72 -20.30
N CYS C 155 -3.36 -2.47 -20.76
CA CYS C 155 -3.69 -2.18 -22.16
C CYS C 155 -2.71 -2.86 -23.09
N LEU C 156 -1.41 -2.63 -22.88
CA LEU C 156 -0.37 -3.15 -23.77
C LEU C 156 -0.55 -4.63 -24.03
N ARG C 157 -0.99 -5.39 -23.02
CA ARG C 157 -1.31 -6.80 -23.22
C ARG C 157 -2.47 -6.97 -24.20
N ILE C 158 -3.52 -6.16 -24.05
CA ILE C 158 -4.67 -6.29 -24.92
C ILE C 158 -4.35 -5.76 -26.32
N MET C 159 -3.40 -4.82 -26.42
CA MET C 159 -3.05 -4.28 -27.74
C MET C 159 -2.27 -5.29 -28.55
N GLU C 160 -1.43 -6.12 -27.91
CA GLU C 160 -0.70 -7.16 -28.62
CA GLU C 160 -0.71 -7.14 -28.64
C GLU C 160 -1.61 -8.33 -28.95
N SER C 161 -2.35 -8.82 -27.97
CA SER C 161 -3.23 -9.96 -28.12
C SER C 161 -4.65 -9.47 -28.45
N GLY C 162 -5.66 -10.30 -28.20
CA GLY C 162 -7.04 -9.86 -28.27
C GLY C 162 -7.52 -9.54 -29.68
N SER C 163 -8.79 -9.15 -29.75
CA SER C 163 -9.47 -8.84 -31.00
C SER C 163 -9.04 -7.47 -31.53
N GLU C 164 -9.48 -7.17 -32.76
CA GLU C 164 -9.19 -5.85 -33.33
C GLU C 164 -9.95 -4.76 -32.60
N LEU C 165 -11.23 -5.00 -32.30
CA LEU C 165 -12.00 -4.04 -31.53
C LEU C 165 -11.36 -3.81 -30.17
N SER C 166 -11.03 -4.89 -29.46
CA SER C 166 -10.34 -4.74 -28.18
C SER C 166 -9.01 -4.02 -28.34
N LYS C 167 -8.29 -4.32 -29.42
CA LYS C 167 -7.04 -3.63 -29.68
C LYS C 167 -7.27 -2.14 -29.89
N THR C 168 -8.32 -1.79 -30.64
CA THR C 168 -8.60 -0.38 -30.91
C THR C 168 -8.94 0.36 -29.63
N VAL C 169 -9.91 -0.14 -28.87
CA VAL C 169 -10.35 0.56 -27.66
C VAL C 169 -9.21 0.71 -26.67
N ALA C 170 -8.38 -0.33 -26.53
CA ALA C 170 -7.23 -0.24 -25.64
C ALA C 170 -6.26 0.83 -26.10
N THR C 171 -5.96 0.85 -27.40
CA THR C 171 -5.07 1.89 -27.91
C THR C 171 -5.68 3.27 -27.73
N PHE C 172 -6.99 3.39 -27.94
CA PHE C 172 -7.66 4.68 -27.71
C PHE C 172 -7.49 5.12 -26.26
N ILE C 173 -7.61 4.20 -25.31
CA ILE C 173 -7.40 4.54 -23.91
C ILE C 173 -5.95 4.99 -23.69
N LEU C 174 -5.00 4.23 -24.22
CA LEU C 174 -3.61 4.64 -24.15
C LEU C 174 -3.41 5.98 -24.82
N GLN C 175 -3.98 6.14 -26.02
CA GLN C 175 -3.89 7.40 -26.75
C GLN C 175 -4.36 8.57 -25.89
N LYS C 176 -5.55 8.46 -25.31
CA LYS C 176 -6.09 9.57 -24.51
C LYS C 176 -5.21 9.90 -23.33
N ILE C 177 -4.52 8.91 -22.78
CA ILE C 177 -3.57 9.18 -21.69
C ILE C 177 -2.37 9.96 -22.22
N LEU C 178 -1.88 9.59 -23.41
CA LEU C 178 -0.74 10.28 -23.99
C LEU C 178 -1.10 11.71 -24.37
N LEU C 179 -2.31 11.93 -24.87
CA LEU C 179 -2.76 13.28 -25.21
C LEU C 179 -2.59 14.24 -24.03
N ASP C 180 -2.85 13.78 -22.82
CA ASP C 180 -2.57 14.57 -21.64
C ASP C 180 -1.06 14.68 -21.43
N ASP C 181 -0.59 15.89 -21.11
CA ASP C 181 0.82 16.09 -20.88
C ASP C 181 1.33 15.20 -19.75
N THR C 182 0.54 15.07 -18.68
CA THR C 182 0.97 14.26 -17.54
C THR C 182 1.14 12.79 -17.93
N GLY C 183 0.27 12.31 -18.83
CA GLY C 183 0.41 10.93 -19.28
C GLY C 183 1.68 10.72 -20.08
N LEU C 184 2.06 11.70 -20.91
CA LEU C 184 3.30 11.61 -21.66
C LEU C 184 4.51 11.61 -20.73
N ALA C 185 4.58 12.58 -19.82
CA ALA C 185 5.73 12.70 -18.94
C ALA C 185 5.93 11.42 -18.12
N TYR C 186 4.83 10.78 -17.72
CA TYR C 186 4.93 9.55 -16.94
C TYR C 186 5.57 8.43 -17.76
N ILE C 187 5.17 8.30 -19.03
CA ILE C 187 5.63 7.17 -19.83
C ILE C 187 7.08 7.36 -20.27
N CYS C 188 7.49 8.61 -20.51
CA CYS C 188 8.85 8.90 -20.90
C CYS C 188 9.77 9.20 -19.73
N GLN C 189 9.34 8.91 -18.50
CA GLN C 189 10.20 9.15 -17.34
C GLN C 189 11.32 8.12 -17.28
N THR C 190 10.98 6.84 -17.34
CA THR C 190 11.96 5.77 -17.34
C THR C 190 12.09 5.16 -18.72
N TYR C 191 13.13 4.37 -18.90
CA TYR C 191 13.33 3.66 -20.17
C TYR C 191 12.48 2.40 -20.22
N GLU C 192 12.31 1.71 -19.09
CA GLU C 192 11.49 0.51 -19.07
C GLU C 192 10.04 0.83 -19.43
N ARG C 193 9.58 2.03 -19.09
CA ARG C 193 8.20 2.42 -19.44
C ARG C 193 8.09 2.80 -20.90
N PHE C 194 9.07 3.55 -21.42
CA PHE C 194 9.07 3.88 -22.84
C PHE C 194 9.18 2.62 -23.69
N SER C 195 10.26 1.86 -23.49
CA SER C 195 10.57 0.73 -24.37
C SER C 195 9.43 -0.28 -24.39
N HIS C 196 8.80 -0.52 -23.24
CA HIS C 196 7.68 -1.45 -23.22
C HIS C 196 6.55 -0.97 -24.12
N VAL C 197 6.28 0.35 -24.12
CA VAL C 197 5.23 0.90 -24.97
C VAL C 197 5.65 0.87 -26.43
N ALA C 198 6.86 1.32 -26.72
CA ALA C 198 7.29 1.44 -28.11
C ALA C 198 7.38 0.08 -28.79
N MET C 199 7.86 -0.95 -28.06
CA MET C 199 7.93 -2.28 -28.63
C MET C 199 6.54 -2.85 -28.88
N ILE C 200 5.60 -2.57 -27.99
CA ILE C 200 4.20 -2.90 -28.22
C ILE C 200 3.76 -2.31 -29.56
N LEU C 201 3.98 -1.01 -29.72
CA LEU C 201 3.54 -0.29 -30.91
C LEU C 201 4.21 -0.83 -32.17
N GLY C 202 5.49 -1.20 -32.06
CA GLY C 202 6.18 -1.76 -33.22
C GLY C 202 5.63 -3.11 -33.63
N LYS C 203 5.44 -4.00 -32.64
CA LYS C 203 4.87 -5.31 -32.92
C LYS C 203 3.45 -5.19 -33.47
N MET C 204 2.72 -4.14 -33.09
CA MET C 204 1.40 -3.92 -33.66
C MET C 204 1.48 -3.51 -35.12
N VAL C 205 2.53 -2.79 -35.51
CA VAL C 205 2.67 -2.34 -36.89
C VAL C 205 2.85 -3.55 -37.81
N LEU C 206 3.75 -4.47 -37.43
CA LEU C 206 3.95 -5.68 -38.22
C LEU C 206 2.66 -6.48 -38.35
N GLN C 207 1.88 -6.57 -37.27
CA GLN C 207 0.61 -7.27 -37.32
C GLN C 207 -0.38 -6.58 -38.24
N LEU C 208 -0.34 -5.25 -38.31
CA LEU C 208 -1.28 -4.53 -39.16
C LEU C 208 -0.93 -4.67 -40.64
N SER C 209 0.36 -4.86 -40.96
CA SER C 209 0.74 -5.08 -42.34
C SER C 209 0.27 -6.44 -42.85
N LYS C 210 -0.01 -7.39 -41.95
CA LYS C 210 -0.54 -8.69 -42.32
C LYS C 210 -2.02 -8.83 -42.00
N GLU C 211 -2.50 -8.15 -40.97
CA GLU C 211 -3.92 -8.11 -40.62
CA GLU C 211 -3.92 -8.11 -40.63
C GLU C 211 -4.32 -6.65 -40.50
N PRO C 212 -4.78 -6.03 -41.59
CA PRO C 212 -5.02 -4.58 -41.56
C PRO C 212 -6.32 -4.21 -40.87
N SER C 213 -6.26 -3.11 -40.12
CA SER C 213 -7.45 -2.50 -39.51
C SER C 213 -7.33 -1.00 -39.65
N ALA C 214 -8.35 -0.39 -40.25
CA ALA C 214 -8.31 1.05 -40.51
C ALA C 214 -8.26 1.85 -39.21
N ARG C 215 -9.20 1.58 -38.30
CA ARG C 215 -9.25 2.35 -37.07
C ARG C 215 -8.03 2.07 -36.19
N LEU C 216 -7.56 0.82 -36.16
CA LEU C 216 -6.36 0.52 -35.38
C LEU C 216 -5.16 1.30 -35.89
N LEU C 217 -4.95 1.27 -37.22
CA LEU C 217 -3.83 2.01 -37.80
C LEU C 217 -3.92 3.50 -37.46
N LYS C 218 -5.13 4.04 -37.42
CA LYS C 218 -5.30 5.46 -37.11
C LYS C 218 -4.80 5.79 -35.72
N HIS C 219 -5.25 5.03 -34.72
CA HIS C 219 -4.90 5.34 -33.34
C HIS C 219 -3.47 4.94 -33.00
N VAL C 220 -2.93 3.94 -33.69
CA VAL C 220 -1.51 3.61 -33.50
C VAL C 220 -0.64 4.76 -33.98
N VAL C 221 -0.96 5.31 -35.15
CA VAL C 221 -0.20 6.45 -35.67
C VAL C 221 -0.28 7.63 -34.71
N ARG C 222 -1.49 7.90 -34.20
CA ARG C 222 -1.65 9.03 -33.28
C ARG C 222 -0.81 8.86 -32.03
N CYS C 223 -0.69 7.62 -31.53
CA CYS C 223 0.14 7.36 -30.38
C CYS C 223 1.60 7.66 -30.67
N TYR C 224 2.10 7.19 -31.82
CA TYR C 224 3.46 7.49 -32.23
C TYR C 224 3.69 8.99 -32.35
N LEU C 225 2.70 9.71 -32.89
CA LEU C 225 2.81 11.16 -33.01
C LEU C 225 2.95 11.82 -31.65
N ARG C 226 2.11 11.42 -30.69
CA ARG C 226 2.17 12.01 -29.37
C ARG C 226 3.50 11.73 -28.68
N LEU C 227 4.07 10.54 -28.90
CA LEU C 227 5.40 10.25 -28.35
C LEU C 227 6.45 11.16 -28.98
N SER C 228 6.32 11.45 -30.27
CA SER C 228 7.29 12.32 -30.95
C SER C 228 7.31 13.73 -30.36
N ASP C 229 6.29 14.11 -29.59
CA ASP C 229 6.27 15.42 -28.94
C ASP C 229 7.21 15.51 -27.76
N ASN C 230 7.73 14.40 -27.27
CA ASN C 230 8.69 14.37 -26.17
C ASN C 230 10.11 14.34 -26.70
N PRO C 231 11.02 15.15 -26.13
CA PRO C 231 12.38 15.25 -26.68
C PRO C 231 13.14 13.93 -26.66
N ARG C 232 13.32 13.35 -25.47
CA ARG C 232 14.02 12.08 -25.37
C ARG C 232 13.27 10.96 -26.10
N ALA C 233 11.93 11.05 -26.14
CA ALA C 233 11.16 10.05 -26.87
C ALA C 233 11.38 10.20 -28.37
N ARG C 234 11.40 11.43 -28.87
CA ARG C 234 11.56 11.65 -30.30
C ARG C 234 12.88 11.09 -30.80
N GLU C 235 13.95 11.25 -30.00
CA GLU C 235 15.24 10.65 -30.37
C GLU C 235 15.10 9.15 -30.52
N ALA C 236 14.68 8.46 -29.46
CA ALA C 236 14.59 7.00 -29.49
C ALA C 236 13.71 6.49 -30.62
N LEU C 237 12.81 7.31 -31.14
CA LEU C 237 11.91 6.86 -32.20
C LEU C 237 12.54 6.91 -33.59
N ARG C 238 13.54 7.79 -33.80
CA ARG C 238 14.17 7.87 -35.12
C ARG C 238 14.85 6.56 -35.49
N GLN C 239 15.41 5.85 -34.52
CA GLN C 239 15.99 4.54 -34.76
C GLN C 239 15.01 3.40 -34.52
N CYS C 240 13.90 3.67 -33.82
CA CYS C 240 12.95 2.62 -33.45
C CYS C 240 11.71 2.56 -34.36
N LEU C 241 11.37 3.66 -35.03
CA LEU C 241 10.14 3.71 -35.81
C LEU C 241 10.10 2.57 -36.82
N PRO C 242 9.04 1.76 -36.83
CA PRO C 242 8.92 0.70 -37.84
C PRO C 242 9.10 1.24 -39.25
N ASP C 243 9.88 0.50 -40.04
CA ASP C 243 10.10 0.91 -41.42
C ASP C 243 8.81 0.86 -42.24
N GLN C 244 7.86 0.00 -41.84
CA GLN C 244 6.59 -0.09 -42.54
C GLN C 244 5.79 1.20 -42.44
N LEU C 245 6.03 1.99 -41.38
CA LEU C 245 5.45 3.32 -41.33
C LEU C 245 6.17 4.28 -42.28
N LYS C 246 7.46 4.04 -42.53
CA LYS C 246 8.23 4.94 -43.39
C LYS C 246 8.03 4.64 -44.87
N ASP C 247 7.74 3.39 -45.23
CA ASP C 247 7.74 2.97 -46.62
C ASP C 247 6.31 3.01 -47.19
N THR C 248 6.06 2.20 -48.21
CA THR C 248 4.79 2.18 -48.92
C THR C 248 3.86 1.08 -48.44
N THR C 249 4.13 0.49 -47.28
CA THR C 249 3.37 -0.69 -46.86
C THR C 249 1.91 -0.35 -46.61
N PHE C 250 1.65 0.76 -45.91
CA PHE C 250 0.29 1.15 -45.55
C PHE C 250 -0.29 2.19 -46.49
N ALA C 251 0.25 2.30 -47.71
CA ALA C 251 -0.17 3.37 -48.62
C ALA C 251 -1.57 3.12 -49.16
N GLN C 252 -1.83 1.90 -49.65
CA GLN C 252 -3.13 1.59 -50.23
C GLN C 252 -4.25 1.75 -49.21
N VAL C 253 -4.01 1.31 -47.96
CA VAL C 253 -5.06 1.35 -46.95
C VAL C 253 -5.39 2.78 -46.56
N LEU C 254 -4.37 3.64 -46.47
CA LEU C 254 -4.55 5.00 -46.01
C LEU C 254 -4.89 5.97 -47.13
N LYS C 255 -5.17 5.47 -48.34
CA LYS C 255 -5.36 6.37 -49.48
C LYS C 255 -6.52 7.33 -49.27
N ASP C 256 -7.50 6.97 -48.44
CA ASP C 256 -8.69 7.78 -48.26
C ASP C 256 -8.89 8.24 -46.82
N ASP C 257 -7.89 8.08 -45.96
CA ASP C 257 -7.96 8.51 -44.55
C ASP C 257 -7.14 9.78 -44.41
N THR C 258 -7.79 10.92 -44.62
CA THR C 258 -7.07 12.20 -44.64
C THR C 258 -6.42 12.49 -43.29
N THR C 259 -7.16 12.29 -42.20
CA THR C 259 -6.64 12.63 -40.88
C THR C 259 -5.43 11.76 -40.53
N THR C 260 -5.46 10.48 -40.90
CA THR C 260 -4.33 9.61 -40.57
C THR C 260 -3.11 9.93 -41.43
N LYS C 261 -3.33 10.23 -42.72
CA LYS C 261 -2.21 10.62 -43.59
C LYS C 261 -1.50 11.84 -43.02
N ARG C 262 -2.25 12.80 -42.49
CA ARG C 262 -1.65 14.02 -41.97
C ARG C 262 -0.86 13.74 -40.70
N TRP C 263 -1.41 12.91 -39.81
CA TRP C 263 -0.69 12.55 -38.58
C TRP C 263 0.62 11.85 -38.89
N LEU C 264 0.58 10.84 -39.77
CA LEU C 264 1.80 10.16 -40.17
C LEU C 264 2.78 11.13 -40.82
N ALA C 265 2.28 12.03 -41.66
CA ALA C 265 3.14 13.02 -42.30
C ALA C 265 3.88 13.84 -41.25
N GLN C 266 3.14 14.36 -40.27
CA GLN C 266 3.76 15.16 -39.21
C GLN C 266 4.76 14.33 -38.42
N LEU C 267 4.44 13.06 -38.16
CA LEU C 267 5.31 12.21 -37.35
C LEU C 267 6.70 12.12 -37.97
N VAL C 268 6.78 11.84 -39.27
CA VAL C 268 8.07 11.76 -39.94
C VAL C 268 8.73 13.13 -39.96
N LYS C 269 7.94 14.20 -40.12
CA LYS C 269 8.50 15.54 -40.06
C LYS C 269 8.98 15.88 -38.65
N ASN C 270 8.31 15.35 -37.62
CA ASN C 270 8.71 15.65 -36.24
C ASN C 270 10.08 15.07 -35.94
N LEU C 271 10.33 13.83 -36.36
CA LEU C 271 11.62 13.18 -36.15
C LEU C 271 12.71 13.69 -37.08
N GLN C 272 12.37 14.56 -38.02
CA GLN C 272 13.33 15.00 -39.04
C GLN C 272 14.41 15.87 -38.42
N GLU C 273 15.66 15.56 -38.74
CA GLU C 273 16.81 16.35 -38.30
C GLU C 273 18.01 16.03 -39.19
N GLN D 10 -16.51 -25.58 -9.44
CA GLN D 10 -17.11 -25.92 -8.15
C GLN D 10 -16.09 -25.81 -7.02
N PRO D 11 -16.45 -25.08 -5.96
CA PRO D 11 -15.51 -24.92 -4.84
C PRO D 11 -15.37 -26.22 -4.05
N GLN D 12 -14.13 -26.63 -3.83
CA GLN D 12 -13.87 -27.90 -3.15
C GLN D 12 -13.94 -27.74 -1.63
N TYR D 13 -13.38 -26.67 -1.08
CA TYR D 13 -13.19 -26.52 0.35
C TYR D 13 -14.15 -25.50 0.94
N SER D 14 -14.15 -25.45 2.27
CA SER D 14 -14.82 -24.43 3.05
C SER D 14 -13.79 -23.65 3.85
N TYR D 15 -14.21 -22.48 4.35
CA TYR D 15 -13.28 -21.62 5.07
C TYR D 15 -12.72 -22.33 6.30
N HIS D 16 -13.54 -23.14 6.97
CA HIS D 16 -13.10 -23.83 8.16
C HIS D 16 -12.18 -25.01 7.86
N ASP D 17 -12.30 -25.61 6.68
CA ASP D 17 -11.61 -26.86 6.40
C ASP D 17 -10.09 -26.70 6.44
N ILE D 18 -9.58 -25.56 6.02
CA ILE D 18 -8.14 -25.34 5.88
C ILE D 18 -7.63 -24.52 7.05
N ASN D 19 -6.47 -24.93 7.58
CA ASN D 19 -5.83 -24.25 8.69
C ASN D 19 -4.61 -23.49 8.18
N VAL D 20 -4.47 -22.24 8.60
CA VAL D 20 -3.43 -21.36 8.08
C VAL D 20 -2.25 -21.21 9.04
N TYR D 21 -2.39 -21.66 10.29
CA TYR D 21 -1.37 -21.42 11.30
C TYR D 21 0.02 -21.79 10.80
N SER D 22 0.16 -22.95 10.16
CA SER D 22 1.43 -23.39 9.61
C SER D 22 1.24 -23.78 8.15
N LEU D 23 2.36 -23.84 7.43
CA LEU D 23 2.34 -24.34 6.07
C LEU D 23 1.92 -25.80 6.00
N ALA D 24 2.10 -26.54 7.09
CA ALA D 24 1.69 -27.94 7.13
C ALA D 24 0.18 -28.11 7.08
N GLY D 25 -0.58 -27.02 7.13
CA GLY D 25 -2.02 -27.11 6.95
C GLY D 25 -2.45 -27.55 5.56
N LEU D 26 -1.53 -27.53 4.59
CA LEU D 26 -1.83 -27.96 3.22
C LEU D 26 -1.68 -29.46 3.04
N ALA D 27 -0.64 -30.03 3.63
CA ALA D 27 -0.33 -31.45 3.43
C ALA D 27 -1.54 -32.38 3.64
N PRO D 28 -2.43 -32.18 4.61
CA PRO D 28 -3.59 -33.07 4.70
C PRO D 28 -4.52 -33.02 3.50
N HIS D 29 -4.55 -31.89 2.77
CA HIS D 29 -5.47 -31.72 1.65
C HIS D 29 -4.83 -31.99 0.30
N ILE D 30 -3.52 -32.22 0.24
CA ILE D 30 -2.86 -32.39 -1.06
C ILE D 30 -3.42 -33.63 -1.75
N THR D 31 -3.83 -33.45 -3.00
CA THR D 31 -4.42 -34.52 -3.80
C THR D 31 -3.39 -34.99 -4.83
N LEU D 32 -2.81 -36.17 -4.58
CA LEU D 32 -1.80 -36.75 -5.45
C LEU D 32 -2.45 -37.85 -6.29
N ASN D 33 -2.57 -37.61 -7.59
CA ASN D 33 -3.24 -38.57 -8.46
C ASN D 33 -2.49 -39.90 -8.45
N PRO D 34 -3.15 -41.02 -8.13
CA PRO D 34 -2.43 -42.30 -8.01
C PRO D 34 -1.93 -42.87 -9.33
N THR D 35 -2.32 -42.28 -10.47
CA THR D 35 -2.01 -42.85 -11.78
C THR D 35 -0.92 -42.06 -12.51
N ILE D 36 -0.16 -41.24 -11.80
CA ILE D 36 0.90 -40.48 -12.46
C ILE D 36 2.02 -41.43 -12.89
N PRO D 37 2.43 -41.41 -14.16
CA PRO D 37 3.43 -42.39 -14.62
C PRO D 37 4.79 -42.22 -13.97
N LEU D 38 5.18 -41.00 -13.60
CA LEU D 38 6.45 -40.82 -12.89
C LEU D 38 6.49 -41.62 -11.60
N PHE D 39 5.45 -41.48 -10.77
CA PHE D 39 5.42 -42.21 -9.51
C PHE D 39 5.22 -43.70 -9.71
N GLN D 40 4.72 -44.11 -10.88
CA GLN D 40 4.58 -45.53 -11.17
C GLN D 40 5.95 -46.21 -11.29
N ALA D 41 6.93 -45.50 -11.85
CA ALA D 41 8.29 -46.00 -11.97
C ALA D 41 9.19 -45.56 -10.83
N HIS D 42 8.95 -44.39 -10.25
CA HIS D 42 9.75 -43.88 -9.13
C HIS D 42 8.80 -43.38 -8.05
N PRO D 43 8.30 -44.28 -7.21
CA PRO D 43 7.42 -43.85 -6.10
C PRO D 43 8.15 -43.04 -5.04
N GLN D 44 9.48 -43.13 -4.96
CA GLN D 44 10.21 -42.33 -3.99
C GLN D 44 10.06 -40.83 -4.26
N LEU D 45 9.80 -40.47 -5.51
CA LEU D 45 9.61 -39.07 -5.87
C LEU D 45 8.25 -38.51 -5.45
N LYS D 46 7.38 -39.34 -4.87
CA LYS D 46 6.14 -38.83 -4.32
C LYS D 46 6.39 -37.89 -3.13
N GLN D 47 7.56 -37.98 -2.50
CA GLN D 47 7.83 -37.23 -1.29
C GLN D 47 8.30 -35.80 -1.55
N CYS D 48 8.62 -35.46 -2.79
CA CYS D 48 9.00 -34.09 -3.12
C CYS D 48 7.79 -33.16 -3.28
N VAL D 49 6.58 -33.69 -3.22
CA VAL D 49 5.40 -32.91 -3.57
C VAL D 49 5.00 -31.97 -2.44
N ARG D 50 4.84 -32.50 -1.22
CA ARG D 50 4.47 -31.67 -0.08
C ARG D 50 5.42 -30.48 0.06
N GLN D 51 6.73 -30.75 -0.05
CA GLN D 51 7.71 -29.68 0.02
C GLN D 51 7.51 -28.67 -1.11
N ALA D 52 7.53 -29.16 -2.36
CA ALA D 52 7.49 -28.27 -3.51
C ALA D 52 6.23 -27.41 -3.51
N ILE D 53 5.11 -27.97 -3.06
CA ILE D 53 3.86 -27.21 -3.03
C ILE D 53 3.94 -26.11 -1.98
N GLU D 54 4.45 -26.43 -0.79
CA GLU D 54 4.53 -25.44 0.27
C GLU D 54 5.64 -24.41 0.02
N ARG D 55 6.66 -24.76 -0.76
CA ARG D 55 7.62 -23.74 -1.16
C ARG D 55 6.94 -22.68 -2.02
N ALA D 56 6.14 -23.11 -3.00
CA ALA D 56 5.45 -22.17 -3.86
C ALA D 56 4.46 -21.32 -3.07
N VAL D 57 3.77 -21.93 -2.11
CA VAL D 57 2.74 -21.18 -1.37
C VAL D 57 3.36 -20.17 -0.40
N GLN D 58 4.61 -20.37 -0.01
CA GLN D 58 5.24 -19.44 0.94
C GLN D 58 5.94 -18.29 0.24
N GLU D 59 6.44 -18.51 -0.98
CA GLU D 59 7.11 -17.44 -1.71
C GLU D 59 6.13 -16.41 -2.24
N LEU D 60 4.84 -16.72 -2.26
CA LEU D 60 3.83 -15.84 -2.81
C LEU D 60 2.78 -15.37 -1.81
N VAL D 61 2.70 -15.98 -0.63
CA VAL D 61 1.64 -15.63 0.30
C VAL D 61 1.80 -14.20 0.80
N HIS D 62 3.03 -13.80 1.13
CA HIS D 62 3.23 -12.48 1.70
C HIS D 62 3.06 -11.36 0.67
N PRO D 63 3.64 -11.44 -0.53
CA PRO D 63 3.38 -10.39 -1.52
C PRO D 63 1.92 -10.29 -1.93
N VAL D 64 1.23 -11.43 -2.05
CA VAL D 64 -0.17 -11.40 -2.49
C VAL D 64 -1.06 -10.81 -1.40
N VAL D 65 -0.83 -11.19 -0.15
CA VAL D 65 -1.68 -10.73 0.95
C VAL D 65 -1.64 -9.20 1.02
N ASP D 66 -0.44 -8.62 0.96
CA ASP D 66 -0.30 -7.18 1.06
C ASP D 66 -0.97 -6.48 -0.12
N ARG D 67 -0.73 -6.96 -1.33
CA ARG D 67 -1.38 -6.36 -2.50
C ARG D 67 -2.90 -6.52 -2.41
N SER D 68 -3.37 -7.66 -1.94
CA SER D 68 -4.81 -7.92 -1.92
C SER D 68 -5.54 -6.96 -1.00
N ILE D 69 -5.02 -6.78 0.22
CA ILE D 69 -5.63 -5.83 1.15
C ILE D 69 -5.52 -4.41 0.60
N LYS D 70 -4.43 -4.10 -0.11
CA LYS D 70 -4.27 -2.75 -0.65
C LYS D 70 -5.40 -2.40 -1.59
N ILE D 71 -5.69 -3.27 -2.56
CA ILE D 71 -6.75 -3.01 -3.52
C ILE D 71 -8.12 -3.03 -2.87
N ALA D 72 -8.31 -3.85 -1.85
CA ALA D 72 -9.62 -3.98 -1.20
C ALA D 72 -9.87 -2.93 -0.13
N MET D 73 -8.81 -2.47 0.53
CA MET D 73 -8.98 -1.61 1.71
C MET D 73 -9.71 -0.32 1.38
N THR D 74 -9.13 0.48 0.48
CA THR D 74 -9.69 1.81 0.20
C THR D 74 -11.13 1.71 -0.26
N THR D 75 -11.43 0.78 -1.16
CA THR D 75 -12.79 0.58 -1.60
C THR D 75 -13.70 0.22 -0.43
N CYS D 76 -13.25 -0.71 0.43
CA CYS D 76 -14.12 -1.20 1.49
C CYS D 76 -14.42 -0.14 2.54
N GLU D 77 -13.48 0.77 2.81
CA GLU D 77 -13.76 1.79 3.82
C GLU D 77 -14.74 2.84 3.31
N GLN D 78 -14.66 3.19 2.02
CA GLN D 78 -15.47 4.30 1.53
C GLN D 78 -16.91 3.91 1.32
N ILE D 79 -17.16 2.67 0.88
CA ILE D 79 -18.54 2.23 0.67
C ILE D 79 -19.24 2.00 2.01
N VAL D 80 -18.53 1.46 2.99
CA VAL D 80 -19.17 1.20 4.29
C VAL D 80 -19.42 2.49 5.04
N ARG D 81 -18.46 3.42 5.02
CA ARG D 81 -18.67 4.72 5.66
C ARG D 81 -19.85 5.45 5.01
N LYS D 82 -19.89 5.44 3.67
CA LYS D 82 -21.00 6.09 2.97
C LYS D 82 -22.33 5.48 3.32
N ASP D 83 -22.39 4.14 3.41
CA ASP D 83 -23.67 3.46 3.59
C ASP D 83 -24.18 3.56 5.02
N PHE D 84 -23.30 3.66 6.01
CA PHE D 84 -23.70 3.70 7.41
C PHE D 84 -23.56 5.09 8.01
N ALA D 85 -23.44 6.13 7.17
CA ALA D 85 -23.20 7.47 7.69
C ALA D 85 -24.36 8.00 8.51
N LEU D 86 -25.53 7.37 8.45
CA LEU D 86 -26.68 7.77 9.24
C LEU D 86 -27.07 6.72 10.26
N ASP D 87 -26.14 5.87 10.65
CA ASP D 87 -26.36 4.87 11.70
C ASP D 87 -25.44 5.17 12.87
N SER D 88 -26.00 5.13 14.08
CA SER D 88 -25.25 5.42 15.29
C SER D 88 -24.73 4.17 15.99
N GLU D 89 -25.02 2.99 15.45
CA GLU D 89 -24.61 1.72 16.04
C GLU D 89 -23.35 1.24 15.31
N GLU D 90 -22.19 1.50 15.90
CA GLU D 90 -20.94 1.03 15.32
C GLU D 90 -20.88 -0.50 15.25
N SER D 91 -21.71 -1.18 16.04
CA SER D 91 -21.73 -2.63 16.02
C SER D 91 -22.16 -3.17 14.65
N ARG D 92 -23.22 -2.59 14.09
CA ARG D 92 -23.71 -3.08 12.80
C ARG D 92 -22.76 -2.71 11.67
N MET D 93 -22.14 -1.52 11.75
CA MET D 93 -21.22 -1.12 10.70
C MET D 93 -19.95 -1.95 10.73
N ARG D 94 -19.42 -2.22 11.93
CA ARG D 94 -18.25 -3.08 12.07
C ARG D 94 -18.51 -4.46 11.49
N ILE D 95 -19.67 -5.03 11.81
CA ILE D 95 -20.02 -6.36 11.31
C ILE D 95 -20.11 -6.36 9.79
N ALA D 96 -20.81 -5.36 9.24
CA ALA D 96 -20.99 -5.31 7.79
C ALA D 96 -19.67 -5.03 7.08
N ALA D 97 -18.84 -4.15 7.65
CA ALA D 97 -17.57 -3.81 7.01
C ALA D 97 -16.65 -5.04 6.94
N HIS D 98 -16.60 -5.83 8.02
CA HIS D 98 -15.77 -7.03 8.00
C HIS D 98 -16.32 -8.05 7.01
N HIS D 99 -17.64 -8.19 6.93
CA HIS D 99 -18.23 -9.10 5.96
C HIS D 99 -17.78 -8.78 4.54
N MET D 100 -17.77 -7.50 4.19
CA MET D 100 -17.48 -7.10 2.82
C MET D 100 -15.99 -7.09 2.52
N MET D 101 -15.14 -6.95 3.54
CA MET D 101 -13.70 -7.07 3.30
C MET D 101 -13.30 -8.51 3.01
N ARG D 102 -13.82 -9.45 3.81
N ARG D 102 -13.81 -9.46 3.81
CA ARG D 102 -13.48 -10.86 3.61
CA ARG D 102 -13.50 -10.86 3.60
C ARG D 102 -13.84 -11.30 2.19
C ARG D 102 -13.84 -11.30 2.19
N ASN D 103 -14.94 -10.80 1.65
CA ASN D 103 -15.36 -11.18 0.31
C ASN D 103 -14.48 -10.53 -0.76
N LEU D 104 -14.16 -9.24 -0.58
CA LEU D 104 -13.40 -8.54 -1.60
C LEU D 104 -11.90 -8.87 -1.54
N THR D 105 -11.34 -9.00 -0.34
CA THR D 105 -9.93 -9.37 -0.23
C THR D 105 -9.69 -10.76 -0.80
N ALA D 106 -10.55 -11.73 -0.43
CA ALA D 106 -10.40 -13.09 -0.95
C ALA D 106 -10.49 -13.10 -2.47
N GLY D 107 -11.40 -12.31 -3.04
CA GLY D 107 -11.46 -12.19 -4.48
C GLY D 107 -10.17 -11.66 -5.08
N MET D 108 -9.67 -10.53 -4.55
CA MET D 108 -8.44 -9.95 -5.07
C MET D 108 -7.26 -10.90 -4.90
N ALA D 109 -7.27 -11.72 -3.86
CA ALA D 109 -6.23 -12.73 -3.70
C ALA D 109 -6.32 -13.77 -4.81
N MET D 110 -7.52 -14.29 -5.06
CA MET D 110 -7.67 -15.37 -6.02
C MET D 110 -7.22 -14.95 -7.42
N ILE D 111 -7.52 -13.71 -7.81
CA ILE D 111 -7.08 -13.24 -9.13
C ILE D 111 -5.56 -13.12 -9.15
N THR D 112 -4.97 -12.61 -8.07
CA THR D 112 -3.52 -12.42 -8.01
C THR D 112 -2.78 -13.73 -7.79
N CYS D 113 -3.43 -14.73 -7.17
N CYS D 113 -3.42 -14.74 -7.21
CA CYS D 113 -2.76 -15.95 -6.72
CA CYS D 113 -2.69 -15.92 -6.76
C CYS D 113 -2.64 -16.98 -7.84
C CYS D 113 -2.64 -17.02 -7.81
N ARG D 114 -3.74 -17.24 -8.55
CA ARG D 114 -3.87 -18.46 -9.34
C ARG D 114 -2.77 -18.61 -10.39
N GLU D 115 -2.69 -17.65 -11.32
CA GLU D 115 -1.74 -17.81 -12.42
C GLU D 115 -0.30 -18.02 -11.95
N PRO D 116 0.26 -17.21 -11.03
CA PRO D 116 1.63 -17.48 -10.59
C PRO D 116 1.76 -18.77 -9.78
N LEU D 117 0.75 -19.11 -8.98
CA LEU D 117 0.83 -20.31 -8.15
C LEU D 117 0.95 -21.55 -9.01
N LEU D 118 0.11 -21.67 -10.05
CA LEU D 118 0.16 -22.83 -10.91
C LEU D 118 1.53 -22.97 -11.57
N MET D 119 2.15 -21.84 -11.91
CA MET D 119 3.51 -21.89 -12.44
C MET D 119 4.53 -22.16 -11.34
N SER D 120 4.34 -21.54 -10.17
CA SER D 120 5.27 -21.77 -9.06
C SER D 120 5.22 -23.20 -8.56
N ILE D 121 4.02 -23.79 -8.50
CA ILE D 121 3.90 -25.18 -8.06
C ILE D 121 4.57 -26.11 -9.06
N SER D 122 4.20 -26.00 -10.34
CA SER D 122 4.70 -26.93 -11.34
C SER D 122 6.21 -26.79 -11.50
N THR D 123 6.72 -25.56 -11.45
CA THR D 123 8.16 -25.36 -11.60
C THR D 123 8.92 -25.92 -10.40
N ASN D 124 8.45 -25.64 -9.18
CA ASN D 124 9.11 -26.18 -8.01
C ASN D 124 9.10 -27.71 -8.04
N LEU D 125 8.03 -28.31 -8.56
CA LEU D 125 7.96 -29.76 -8.66
C LEU D 125 8.97 -30.28 -9.67
N LYS D 126 9.22 -29.52 -10.74
CA LYS D 126 10.13 -29.99 -11.78
C LYS D 126 11.58 -30.00 -11.31
N ASN D 127 11.96 -29.03 -10.47
CA ASN D 127 13.33 -29.01 -9.97
C ASN D 127 13.52 -30.00 -8.82
N SER D 128 12.54 -30.09 -7.92
CA SER D 128 12.61 -31.08 -6.85
C SER D 128 12.64 -32.49 -7.43
N PHE D 129 11.88 -32.73 -8.49
CA PHE D 129 11.92 -34.03 -9.16
C PHE D 129 13.29 -34.28 -9.77
N ALA D 130 13.83 -33.27 -10.46
CA ALA D 130 15.10 -33.46 -11.17
C ALA D 130 16.27 -33.62 -10.21
N SER D 131 16.19 -33.02 -9.01
CA SER D 131 17.32 -33.10 -8.09
C SER D 131 17.55 -34.53 -7.61
N ALA D 132 16.47 -35.28 -7.37
CA ALA D 132 16.63 -36.66 -6.91
C ALA D 132 16.88 -37.62 -8.07
N LEU D 133 16.24 -37.37 -9.22
CA LEU D 133 16.41 -38.27 -10.36
C LEU D 133 17.82 -38.18 -10.93
N ARG D 134 18.36 -36.96 -11.04
CA ARG D 134 19.75 -36.72 -11.47
C ARG D 134 20.01 -37.20 -12.89
N THR D 135 19.68 -38.46 -13.19
CA THR D 135 20.00 -39.05 -14.48
C THR D 135 19.40 -38.23 -15.63
N ALA D 136 18.12 -37.87 -15.50
CA ALA D 136 17.45 -36.96 -16.43
C ALA D 136 17.47 -37.50 -17.87
N SER D 137 16.92 -38.69 -18.03
CA SER D 137 16.77 -39.20 -19.39
C SER D 137 15.56 -38.54 -20.05
N PRO D 138 15.56 -38.42 -21.38
CA PRO D 138 14.46 -37.70 -22.05
C PRO D 138 13.08 -38.23 -21.71
N GLN D 139 12.94 -39.53 -21.48
CA GLN D 139 11.69 -40.05 -20.96
C GLN D 139 11.42 -39.49 -19.57
N GLN D 140 12.36 -39.70 -18.64
CA GLN D 140 12.20 -39.22 -17.28
C GLN D 140 11.91 -37.72 -17.23
N ARG D 141 12.39 -36.97 -18.22
CA ARG D 141 12.01 -35.56 -18.34
C ARG D 141 10.51 -35.43 -18.51
N GLU D 142 9.97 -35.97 -19.62
CA GLU D 142 8.54 -35.86 -19.89
C GLU D 142 7.70 -36.43 -18.73
N MET D 143 8.17 -37.51 -18.09
CA MET D 143 7.54 -37.97 -16.86
C MET D 143 7.44 -36.85 -15.83
N MET D 144 8.48 -36.01 -15.72
CA MET D 144 8.50 -34.96 -14.70
C MET D 144 7.55 -33.82 -15.06
N ASP D 145 7.67 -33.29 -16.27
CA ASP D 145 6.79 -32.19 -16.69
C ASP D 145 5.33 -32.63 -16.70
N GLN D 146 5.06 -33.87 -17.12
CA GLN D 146 3.69 -34.36 -17.09
C GLN D 146 3.20 -34.51 -15.64
N ALA D 147 4.08 -34.96 -14.75
CA ALA D 147 3.69 -35.08 -13.34
C ALA D 147 3.53 -33.71 -12.70
N ALA D 148 4.48 -32.81 -12.94
CA ALA D 148 4.41 -31.48 -12.35
C ALA D 148 3.18 -30.73 -12.84
N ALA D 149 2.83 -30.90 -14.11
CA ALA D 149 1.63 -30.26 -14.65
C ALA D 149 0.37 -30.83 -13.99
N GLN D 150 0.30 -32.17 -13.89
CA GLN D 150 -0.87 -32.79 -13.29
C GLN D 150 -1.04 -32.37 -11.84
N LEU D 151 0.05 -32.37 -11.07
CA LEU D 151 -0.04 -32.05 -9.66
C LEU D 151 -0.37 -30.58 -9.43
N ALA D 152 0.19 -29.69 -10.25
CA ALA D 152 -0.10 -28.27 -10.11
C ALA D 152 -1.59 -28.00 -10.34
N GLN D 153 -2.15 -28.58 -11.40
CA GLN D 153 -3.58 -28.40 -11.67
C GLN D 153 -4.43 -28.96 -10.54
N ASP D 154 -4.00 -30.08 -9.94
CA ASP D 154 -4.81 -30.74 -8.92
C ASP D 154 -4.84 -29.95 -7.62
N ASN D 155 -3.75 -29.25 -7.28
CA ASN D 155 -3.61 -28.61 -5.98
C ASN D 155 -3.50 -27.10 -6.07
N CYS D 156 -3.86 -26.50 -7.22
CA CYS D 156 -3.90 -25.05 -7.29
C CYS D 156 -5.00 -24.49 -6.39
N GLU D 157 -6.20 -25.08 -6.46
CA GLU D 157 -7.31 -24.57 -5.66
C GLU D 157 -7.02 -24.65 -4.17
N LEU D 158 -6.32 -25.70 -3.74
CA LEU D 158 -5.99 -25.82 -2.32
C LEU D 158 -5.10 -24.67 -1.87
N ALA D 159 -4.01 -24.43 -2.60
CA ALA D 159 -3.01 -23.49 -2.12
C ALA D 159 -3.49 -22.05 -2.20
N CYS D 160 -4.38 -21.72 -3.14
N CYS D 160 -4.38 -21.73 -3.14
CA CYS D 160 -4.87 -20.35 -3.18
CA CYS D 160 -4.90 -20.37 -3.23
C CYS D 160 -5.83 -20.08 -2.03
C CYS D 160 -5.85 -20.08 -2.07
N CYS D 161 -6.70 -21.04 -1.70
CA CYS D 161 -7.57 -20.88 -0.54
C CYS D 161 -6.74 -20.65 0.71
N PHE D 162 -5.55 -21.24 0.77
CA PHE D 162 -4.64 -21.00 1.89
C PHE D 162 -4.19 -19.54 1.91
N ILE D 163 -3.74 -19.04 0.77
CA ILE D 163 -3.32 -17.64 0.71
C ILE D 163 -4.53 -16.72 0.87
N GLN D 164 -5.67 -17.11 0.29
CA GLN D 164 -6.91 -16.36 0.51
C GLN D 164 -7.20 -16.24 2.00
N LYS D 165 -7.19 -17.36 2.72
CA LYS D 165 -7.51 -17.32 4.14
C LYS D 165 -6.48 -16.53 4.93
N THR D 166 -5.22 -16.54 4.50
CA THR D 166 -4.21 -15.73 5.17
C THR D 166 -4.52 -14.24 5.02
N ALA D 167 -4.87 -13.82 3.80
CA ALA D 167 -5.23 -12.43 3.57
C ALA D 167 -6.48 -12.06 4.34
N VAL D 168 -7.49 -12.93 4.34
CA VAL D 168 -8.76 -12.57 4.99
C VAL D 168 -8.56 -12.39 6.49
N GLU D 169 -7.62 -13.13 7.08
CA GLU D 169 -7.38 -13.01 8.51
C GLU D 169 -6.50 -11.81 8.84
N LYS D 170 -5.58 -11.45 7.94
CA LYS D 170 -4.81 -10.23 8.13
C LYS D 170 -5.65 -9.00 7.80
N ALA D 171 -6.67 -9.15 6.94
CA ALA D 171 -7.46 -8.01 6.52
C ALA D 171 -8.35 -7.48 7.64
N GLY D 172 -8.79 -8.35 8.56
CA GLY D 172 -9.64 -7.95 9.65
C GLY D 172 -9.02 -6.88 10.52
N PRO D 173 -7.95 -7.25 11.24
CA PRO D 173 -7.29 -6.28 12.13
C PRO D 173 -6.95 -4.95 11.48
N GLU D 174 -6.51 -4.96 10.22
CA GLU D 174 -6.05 -3.72 9.62
C GLU D 174 -7.22 -2.83 9.20
N MET D 175 -8.37 -3.42 8.85
CA MET D 175 -9.56 -2.59 8.64
C MET D 175 -9.99 -1.92 9.93
N ASP D 176 -9.90 -2.63 11.05
CA ASP D 176 -10.20 -2.03 12.34
C ASP D 176 -9.38 -0.76 12.58
N LYS D 177 -8.17 -0.71 12.05
CA LYS D 177 -7.39 0.53 12.12
C LYS D 177 -8.05 1.63 11.30
N ARG D 178 -8.39 1.33 10.06
CA ARG D 178 -8.85 2.37 9.14
C ARG D 178 -10.28 2.81 9.44
N LEU D 179 -11.04 2.01 10.19
CA LEU D 179 -12.39 2.37 10.60
C LEU D 179 -12.44 2.86 12.03
N ALA D 180 -11.29 3.07 12.67
CA ALA D 180 -11.29 3.43 14.09
C ALA D 180 -11.90 4.80 14.31
N THR D 181 -11.65 5.74 13.40
CA THR D 181 -12.19 7.09 13.55
C THR D 181 -13.72 7.07 13.61
N GLU D 182 -14.34 6.37 12.66
CA GLU D 182 -15.80 6.31 12.63
C GLU D 182 -16.36 5.57 13.85
N PHE D 183 -15.66 4.56 14.33
CA PHE D 183 -16.11 3.85 15.54
C PHE D 183 -16.17 4.79 16.73
N GLU D 184 -15.25 5.76 16.81
CA GLU D 184 -15.22 6.68 17.95
C GLU D 184 -16.43 7.61 17.94
N LEU D 185 -16.79 8.12 16.75
CA LEU D 185 -17.86 9.10 16.66
C LEU D 185 -19.20 8.51 17.10
N ARG D 186 -19.44 7.23 16.84
CA ARG D 186 -20.72 6.61 17.17
C ARG D 186 -20.83 6.25 18.64
N LYS D 187 -19.71 6.08 19.34
CA LYS D 187 -19.74 5.88 20.78
C LYS D 187 -19.59 7.19 21.55
N HIS D 188 -18.89 8.17 20.98
CA HIS D 188 -18.86 9.51 21.57
C HIS D 188 -20.28 10.08 21.65
N ALA D 189 -21.01 10.06 20.53
CA ALA D 189 -22.38 10.54 20.52
C ALA D 189 -23.22 9.81 21.56
N ARG D 190 -22.95 8.53 21.80
CA ARG D 190 -23.64 7.82 22.86
C ARG D 190 -23.28 8.37 24.24
N GLN D 191 -22.01 8.78 24.42
CA GLN D 191 -21.60 9.41 25.68
C GLN D 191 -22.30 10.75 25.87
N GLU D 192 -22.65 11.42 24.78
CA GLU D 192 -23.39 12.68 24.84
C GLU D 192 -24.90 12.48 24.66
N GLY D 193 -25.38 11.24 24.75
CA GLY D 193 -26.79 10.96 24.70
C GLY D 193 -27.48 11.27 23.38
N ARG D 194 -26.74 11.26 22.26
CA ARG D 194 -27.30 11.57 20.96
C ARG D 194 -26.91 10.50 19.95
N ARG D 195 -27.69 10.41 18.88
CA ARG D 195 -27.29 9.56 17.77
C ARG D 195 -26.17 10.23 16.99
N TYR D 196 -25.41 9.41 16.28
CA TYR D 196 -24.44 9.92 15.32
C TYR D 196 -25.07 10.02 13.95
N CYS D 197 -24.84 11.14 13.28
CA CYS D 197 -25.33 11.38 11.93
C CYS D 197 -24.32 12.27 11.23
N ASP D 198 -23.74 11.78 10.13
CA ASP D 198 -22.77 12.54 9.38
C ASP D 198 -23.43 13.82 8.87
N PRO D 199 -22.93 15.00 9.27
CA PRO D 199 -23.60 16.25 8.86
C PRO D 199 -23.73 16.41 7.36
N VAL D 200 -22.75 15.93 6.58
CA VAL D 200 -22.81 16.11 5.14
C VAL D 200 -23.82 15.14 4.52
N VAL D 201 -23.81 13.89 4.95
CA VAL D 201 -24.72 12.91 4.37
C VAL D 201 -26.16 13.19 4.79
N LEU D 202 -26.37 13.51 6.07
CA LEU D 202 -27.71 13.83 6.54
C LEU D 202 -28.32 15.00 5.76
N THR D 203 -27.47 15.93 5.31
CA THR D 203 -27.95 17.03 4.48
C THR D 203 -28.34 16.54 3.09
N TYR D 204 -27.45 15.82 2.41
CA TYR D 204 -27.71 15.39 1.03
C TYR D 204 -28.95 14.53 0.94
N GLN D 205 -29.06 13.52 1.82
CA GLN D 205 -30.25 12.68 1.83
C GLN D 205 -31.51 13.52 1.98
N ALA D 206 -31.53 14.38 3.00
CA ALA D 206 -32.69 15.25 3.24
C ALA D 206 -33.01 16.09 2.01
N GLU D 207 -32.00 16.76 1.46
CA GLU D 207 -32.24 17.80 0.47
C GLU D 207 -32.48 17.27 -0.94
N ARG D 208 -31.88 16.13 -1.29
CA ARG D 208 -31.84 15.71 -2.68
C ARG D 208 -32.32 14.28 -2.94
N MET D 209 -32.49 13.46 -1.91
CA MET D 209 -32.73 12.06 -2.20
C MET D 209 -34.23 11.74 -2.14
N PRO D 210 -34.75 10.98 -3.09
CA PRO D 210 -36.15 10.55 -3.01
C PRO D 210 -36.40 9.70 -1.77
N GLU D 211 -37.63 9.76 -1.27
CA GLU D 211 -37.96 9.10 -0.01
C GLU D 211 -37.84 7.59 -0.12
N GLN D 212 -38.28 7.01 -1.24
CA GLN D 212 -38.30 5.56 -1.39
C GLN D 212 -36.92 4.95 -1.38
N ILE D 213 -35.87 5.75 -1.60
CA ILE D 213 -34.50 5.27 -1.65
C ILE D 213 -33.59 6.02 -0.68
N ARG D 214 -34.16 6.86 0.18
CA ARG D 214 -33.35 7.70 1.04
C ARG D 214 -32.75 6.88 2.19
N LEU D 215 -31.60 7.34 2.67
CA LEU D 215 -30.97 6.76 3.85
C LEU D 215 -31.75 7.21 5.09
N LYS D 216 -32.40 6.26 5.76
CA LYS D 216 -33.13 6.59 6.97
C LYS D 216 -32.17 7.05 8.06
N VAL D 217 -32.63 8.01 8.88
CA VAL D 217 -31.78 8.56 9.93
C VAL D 217 -31.52 7.55 11.05
N GLY D 218 -32.35 6.53 11.16
CA GLY D 218 -32.12 5.46 12.13
C GLY D 218 -31.17 4.42 11.61
N GLY D 219 -31.34 3.19 12.08
CA GLY D 219 -30.53 2.09 11.63
C GLY D 219 -31.03 1.46 10.33
N VAL D 220 -30.16 0.69 9.70
CA VAL D 220 -30.53 0.00 8.47
C VAL D 220 -31.48 -1.14 8.80
N ASP D 221 -32.54 -1.25 7.99
CA ASP D 221 -33.45 -2.38 8.11
C ASP D 221 -32.76 -3.63 7.60
N PRO D 222 -32.76 -4.71 8.35
CA PRO D 222 -32.57 -6.02 7.75
C PRO D 222 -33.60 -6.18 6.63
N LYS D 223 -33.17 -6.80 5.52
CA LYS D 223 -33.82 -6.85 4.21
C LYS D 223 -33.27 -5.75 3.31
N GLN D 224 -32.65 -4.73 3.90
CA GLN D 224 -31.83 -3.78 3.17
C GLN D 224 -30.34 -4.00 3.40
N LEU D 225 -29.99 -4.74 4.46
CA LEU D 225 -28.63 -5.15 4.76
C LEU D 225 -28.27 -6.47 4.10
N ALA D 226 -29.14 -7.00 3.23
CA ALA D 226 -28.94 -8.32 2.68
C ALA D 226 -27.64 -8.43 1.89
N VAL D 227 -27.18 -7.34 1.28
CA VAL D 227 -25.92 -7.37 0.54
C VAL D 227 -24.79 -7.78 1.45
N TYR D 228 -24.64 -7.06 2.57
CA TYR D 228 -23.49 -7.30 3.46
C TYR D 228 -23.55 -8.68 4.08
N GLU D 229 -24.75 -9.23 4.30
CA GLU D 229 -24.84 -10.60 4.78
C GLU D 229 -24.42 -11.59 3.70
N GLU D 230 -24.76 -11.31 2.44
CA GLU D 230 -24.36 -12.20 1.35
C GLU D 230 -22.85 -12.18 1.13
N PHE D 231 -22.18 -11.06 1.47
CA PHE D 231 -20.73 -11.03 1.40
C PHE D 231 -20.11 -12.07 2.30
N ALA D 232 -20.79 -12.43 3.39
CA ALA D 232 -20.32 -13.46 4.29
C ALA D 232 -20.87 -14.85 3.93
N ARG D 233 -22.02 -14.91 3.27
CA ARG D 233 -22.59 -16.20 2.90
C ARG D 233 -21.76 -16.86 1.80
N ASN D 234 -21.46 -16.13 0.73
CA ASN D 234 -20.68 -16.63 -0.38
C ASN D 234 -19.39 -15.82 -0.48
N VAL D 235 -18.26 -16.48 -0.23
CA VAL D 235 -16.94 -15.89 -0.39
C VAL D 235 -16.30 -16.51 -1.62
N PRO D 236 -15.70 -15.72 -2.50
CA PRO D 236 -15.05 -16.27 -3.70
C PRO D 236 -14.05 -17.36 -3.34
N GLY D 237 -14.13 -18.48 -4.04
CA GLY D 237 -13.20 -19.58 -3.87
C GLY D 237 -13.51 -20.53 -2.74
N PHE D 238 -14.58 -20.30 -1.99
CA PHE D 238 -14.93 -21.12 -0.84
C PHE D 238 -16.38 -21.56 -0.95
N LEU D 239 -16.69 -22.68 -0.30
CA LEU D 239 -18.07 -23.16 -0.28
C LEU D 239 -18.92 -22.20 0.53
N PRO D 240 -20.17 -21.98 0.12
CA PRO D 240 -21.07 -21.14 0.93
C PRO D 240 -21.37 -21.82 2.26
N THR D 241 -21.28 -21.03 3.34
CA THR D 241 -21.49 -21.59 4.68
C THR D 241 -22.91 -22.10 4.85
N ASN D 242 -23.88 -21.41 4.25
CA ASN D 242 -25.27 -21.83 4.29
C ASN D 242 -25.90 -21.65 2.92
N ASP D 243 -27.11 -22.16 2.76
CA ASP D 243 -27.81 -22.18 1.48
C ASP D 243 -29.06 -21.31 1.58
N LEU D 244 -29.01 -20.14 0.96
CA LEU D 244 -30.16 -19.23 0.90
C LEU D 244 -30.13 -18.43 -0.39
N GLY E 1 2.02 38.00 35.81
CA GLY E 1 0.89 37.91 36.72
C GLY E 1 -0.01 36.71 36.45
N PRO E 2 -0.87 36.83 35.45
CA PRO E 2 -1.85 35.78 35.16
C PRO E 2 -1.22 34.66 34.34
N HIS E 3 -2.05 33.68 33.98
CA HIS E 3 -1.62 32.65 33.05
C HIS E 3 -1.26 33.25 31.70
N MET E 4 -1.86 34.38 31.34
CA MET E 4 -1.80 34.87 29.97
C MET E 4 -0.37 35.22 29.56
N LEU E 5 0.37 35.92 30.43
CA LEU E 5 1.70 36.38 30.06
C LEU E 5 2.60 35.23 29.65
N GLU E 6 2.45 34.08 30.31
CA GLU E 6 3.16 32.87 29.88
C GLU E 6 2.47 32.21 28.69
N ARG E 7 1.13 32.27 28.65
N ARG E 7 1.13 32.26 28.66
CA ARG E 7 0.41 31.64 27.55
CA ARG E 7 0.38 31.67 27.57
C ARG E 7 0.68 32.35 26.23
C ARG E 7 0.70 32.35 26.24
N GLU E 8 0.85 33.67 26.26
CA GLU E 8 1.19 34.40 25.03
C GLU E 8 2.56 33.97 24.50
N LYS E 9 3.51 33.71 25.41
CA LYS E 9 4.78 33.14 25.00
C LYS E 9 4.57 31.75 24.39
N ILE E 10 3.77 30.92 25.06
CA ILE E 10 3.45 29.59 24.55
C ILE E 10 2.70 29.69 23.23
N TYR E 11 1.70 30.60 23.16
CA TYR E 11 1.02 30.84 21.90
C TYR E 11 2.02 31.19 20.79
N GLN E 12 3.02 32.01 21.12
CA GLN E 12 4.03 32.37 20.13
C GLN E 12 4.86 31.16 19.77
N TRP E 13 5.54 30.58 20.77
CA TRP E 13 6.49 29.49 20.55
C TRP E 13 5.97 28.45 19.57
N ILE E 14 4.65 28.21 19.60
CA ILE E 14 4.03 27.34 18.60
C ILE E 14 4.21 27.91 17.19
N ASN E 15 4.02 29.22 17.04
CA ASN E 15 4.22 29.85 15.73
C ASN E 15 5.70 29.86 15.34
N GLU E 16 6.61 29.95 16.32
CA GLU E 16 8.04 29.91 16.02
C GLU E 16 8.50 28.57 15.49
N LEU E 17 7.70 27.51 15.61
CA LEU E 17 8.12 26.20 15.13
CA LEU E 17 8.10 26.20 15.13
C LEU E 17 8.14 26.12 13.61
N SER E 18 7.48 27.04 12.91
CA SER E 18 7.45 26.97 11.45
C SER E 18 8.81 27.31 10.86
N SER E 19 9.29 28.53 11.10
CA SER E 19 10.55 28.96 10.51
C SER E 19 11.70 28.11 11.04
N PRO E 20 12.55 27.56 10.17
CA PRO E 20 13.69 26.75 10.66
C PRO E 20 14.69 27.55 11.46
N GLU E 21 14.66 28.89 11.36
CA GLU E 21 15.57 29.72 12.12
C GLU E 21 15.15 29.80 13.59
N THR E 22 13.86 30.06 13.82
CA THR E 22 13.31 30.20 15.16
C THR E 22 12.82 28.89 15.75
N ARG E 23 13.08 27.77 15.08
CA ARG E 23 12.51 26.50 15.50
C ARG E 23 13.24 25.90 16.70
N GLU E 24 14.57 26.01 16.71
CA GLU E 24 15.36 25.36 17.76
C GLU E 24 14.98 25.89 19.14
N ASN E 25 14.87 27.21 19.28
CA ASN E 25 14.55 27.80 20.58
C ASN E 25 13.13 27.45 21.01
N ALA E 26 12.18 27.46 20.07
CA ALA E 26 10.81 27.11 20.41
C ALA E 26 10.69 25.66 20.84
N LEU E 27 11.47 24.77 20.20
CA LEU E 27 11.43 23.35 20.56
C LEU E 27 11.84 23.15 22.02
N LEU E 28 12.84 23.89 22.48
CA LEU E 28 13.35 23.70 23.84
C LEU E 28 12.34 24.16 24.88
N GLU E 29 11.88 25.41 24.78
CA GLU E 29 10.98 25.95 25.78
C GLU E 29 9.64 25.22 25.80
N LEU E 30 9.14 24.83 24.63
CA LEU E 30 7.87 24.11 24.56
C LEU E 30 7.95 22.74 25.20
N SER E 31 9.09 22.05 25.04
CA SER E 31 9.25 20.75 25.65
C SER E 31 9.38 20.83 27.17
N LYS E 32 9.80 21.98 27.70
CA LYS E 32 9.83 22.15 29.15
C LYS E 32 8.43 22.33 29.71
N LYS E 33 7.54 22.98 28.95
CA LYS E 33 6.20 23.33 29.42
C LYS E 33 5.13 22.31 29.04
N ARG E 34 5.52 21.18 28.42
CA ARG E 34 4.52 20.24 27.92
C ARG E 34 3.68 19.64 29.04
N GLU E 35 4.10 19.77 30.30
CA GLU E 35 3.34 19.27 31.43
C GLU E 35 2.49 20.34 32.10
N SER E 36 2.91 21.60 32.07
CA SER E 36 2.19 22.65 32.79
C SER E 36 0.91 23.05 32.06
N VAL E 37 0.93 23.09 30.74
CA VAL E 37 -0.23 23.46 29.93
C VAL E 37 -0.86 22.18 29.38
N PRO E 38 -2.10 21.86 29.75
CA PRO E 38 -2.69 20.60 29.33
C PRO E 38 -3.26 20.66 27.91
N ASP E 39 -3.63 21.85 27.46
CA ASP E 39 -4.21 22.04 26.14
C ASP E 39 -3.17 22.20 25.05
N LEU E 40 -1.90 21.89 25.34
CA LEU E 40 -0.83 22.14 24.38
C LEU E 40 -0.97 21.25 23.14
N ALA E 41 -1.35 19.99 23.34
CA ALA E 41 -1.43 19.06 22.22
C ALA E 41 -2.47 19.44 21.17
N PRO E 42 -3.69 19.88 21.52
CA PRO E 42 -4.58 20.42 20.47
C PRO E 42 -4.00 21.62 19.76
N MET E 43 -3.41 22.56 20.50
CA MET E 43 -2.78 23.72 19.87
C MET E 43 -1.56 23.34 19.05
N LEU E 44 -0.90 22.23 19.36
CA LEU E 44 0.19 21.75 18.51
C LEU E 44 -0.34 21.11 17.23
N TRP E 45 -1.48 20.43 17.31
CA TRP E 45 -2.01 19.72 16.15
C TRP E 45 -2.66 20.68 15.16
N HIS E 46 -3.57 21.52 15.63
CA HIS E 46 -4.41 22.34 14.76
C HIS E 46 -3.76 23.66 14.35
N SER E 47 -2.54 23.94 14.81
CA SER E 47 -1.81 25.09 14.30
C SER E 47 -1.14 24.75 12.98
N PHE E 48 -0.89 25.78 12.17
CA PHE E 48 -0.40 25.56 10.82
C PHE E 48 1.01 25.01 10.82
N GLY E 49 1.22 23.92 10.08
CA GLY E 49 2.55 23.39 9.81
C GLY E 49 3.34 22.92 11.02
N THR E 50 2.73 22.93 12.20
CA THR E 50 3.44 22.54 13.40
C THR E 50 3.78 21.05 13.39
N ILE E 51 2.84 20.21 12.97
CA ILE E 51 3.12 18.78 12.91
C ILE E 51 3.96 18.45 11.68
N ALA E 52 3.81 19.21 10.59
CA ALA E 52 4.74 19.10 9.48
C ALA E 52 6.14 19.57 9.87
N ALA E 53 6.21 20.52 10.81
CA ALA E 53 7.50 20.96 11.33
C ALA E 53 8.20 19.85 12.11
N LEU E 54 7.48 19.25 13.07
CA LEU E 54 8.05 18.17 13.87
C LEU E 54 8.42 16.98 12.99
N LEU E 55 7.58 16.65 12.00
CA LEU E 55 7.92 15.60 11.05
C LEU E 55 9.19 15.95 10.29
N GLN E 56 9.37 17.23 9.97
CA GLN E 56 10.57 17.66 9.26
C GLN E 56 11.81 17.47 10.11
N GLU E 57 11.71 17.75 11.41
CA GLU E 57 12.84 17.57 12.31
C GLU E 57 13.27 16.11 12.39
N ILE E 58 12.29 15.20 12.38
CA ILE E 58 12.60 13.77 12.39
C ILE E 58 13.38 13.39 11.13
N VAL E 59 12.87 13.80 9.96
CA VAL E 59 13.40 13.31 8.70
C VAL E 59 14.80 13.86 8.45
N ASN E 60 15.05 15.10 8.86
CA ASN E 60 16.36 15.72 8.65
C ASN E 60 17.48 14.99 9.39
N ILE E 61 17.16 14.07 10.29
CA ILE E 61 18.16 13.31 11.02
C ILE E 61 18.39 11.92 10.43
N TYR E 62 17.43 11.40 9.64
CA TYR E 62 17.59 10.18 8.85
C TYR E 62 18.95 10.08 8.15
N PRO E 63 19.49 11.15 7.56
CA PRO E 63 20.82 11.05 6.94
C PRO E 63 21.91 10.62 7.89
N SER E 64 21.82 10.99 9.17
CA SER E 64 22.89 10.70 10.12
C SER E 64 22.86 9.27 10.66
N ILE E 65 21.81 8.50 10.38
CA ILE E 65 21.67 7.20 11.02
C ILE E 65 22.46 6.12 10.29
N ASN E 66 22.26 6.02 8.97
CA ASN E 66 22.80 4.88 8.24
C ASN E 66 24.33 4.92 8.20
N PRO E 67 24.96 6.08 8.00
CA PRO E 67 26.34 6.26 8.47
C PRO E 67 26.35 6.93 9.83
N PRO E 68 26.61 6.17 10.92
CA PRO E 68 26.31 6.67 12.27
C PRO E 68 27.03 7.95 12.67
N THR E 69 26.48 9.10 12.29
CA THR E 69 27.13 10.39 12.50
C THR E 69 26.35 11.30 13.44
N LEU E 70 25.34 10.77 14.14
CA LEU E 70 24.50 11.60 14.99
C LEU E 70 25.29 12.24 16.10
N THR E 71 25.14 13.55 16.27
CA THR E 71 25.71 14.25 17.40
C THR E 71 24.67 14.43 18.50
N ALA E 72 25.14 14.60 19.73
CA ALA E 72 24.24 14.75 20.86
C ALA E 72 23.38 16.01 20.72
N HIS E 73 23.91 17.04 20.08
CA HIS E 73 23.09 18.22 19.79
C HIS E 73 21.97 17.88 18.82
N GLN E 74 22.28 17.07 17.80
CA GLN E 74 21.24 16.55 16.91
C GLN E 74 20.26 15.66 17.67
N SER E 75 20.79 14.76 18.51
CA SER E 75 19.94 13.80 19.21
C SER E 75 18.98 14.48 20.17
N ASN E 76 19.44 15.53 20.85
CA ASN E 76 18.54 16.26 21.74
C ASN E 76 17.57 17.16 20.98
N ARG E 77 17.86 17.50 19.73
CA ARG E 77 16.94 18.33 18.96
C ARG E 77 15.72 17.51 18.52
N VAL E 78 15.92 16.27 18.10
CA VAL E 78 14.79 15.43 17.69
C VAL E 78 14.04 14.91 18.92
N CYS E 79 14.76 14.52 19.97
CA CYS E 79 14.09 14.09 21.19
C CYS E 79 13.35 15.23 21.86
N ASN E 80 13.72 16.48 21.58
CA ASN E 80 12.88 17.61 21.94
C ASN E 80 11.57 17.57 21.15
N ALA E 81 11.68 17.56 19.82
CA ALA E 81 10.50 17.51 18.97
C ALA E 81 9.68 16.24 19.19
N LEU E 82 10.36 15.11 19.44
CA LEU E 82 9.64 13.87 19.74
C LEU E 82 8.81 14.01 21.00
N ALA E 83 9.26 14.80 21.98
CA ALA E 83 8.52 14.95 23.22
C ALA E 83 7.22 15.73 23.02
N LEU E 84 7.17 16.63 22.04
CA LEU E 84 5.92 17.30 21.72
C LEU E 84 4.99 16.40 20.90
N LEU E 85 5.55 15.59 20.00
CA LEU E 85 4.75 14.60 19.31
C LEU E 85 4.19 13.57 20.28
N GLN E 86 4.94 13.23 21.33
CA GLN E 86 4.41 12.36 22.38
C GLN E 86 3.24 13.03 23.09
N CYS E 87 3.36 14.34 23.37
CA CYS E 87 2.24 15.06 23.98
C CYS E 87 0.99 15.01 23.11
N VAL E 88 1.16 14.99 21.78
CA VAL E 88 0.02 14.86 20.89
C VAL E 88 -0.59 13.46 20.99
N ALA E 89 0.26 12.44 21.11
CA ALA E 89 -0.22 11.07 21.25
C ALA E 89 -0.82 10.80 22.62
N SER E 90 -0.43 11.56 23.64
CA SER E 90 -0.98 11.34 24.98
C SER E 90 -2.38 11.94 25.12
N HIS E 91 -2.63 13.07 24.46
CA HIS E 91 -3.93 13.74 24.60
C HIS E 91 -5.02 12.91 23.94
N PRO E 92 -6.17 12.72 24.59
CA PRO E 92 -7.26 11.95 23.95
C PRO E 92 -7.88 12.66 22.77
N GLU E 93 -7.76 13.98 22.69
CA GLU E 93 -8.39 14.72 21.60
C GLU E 93 -7.64 14.52 20.29
N THR E 94 -6.32 14.49 20.34
CA THR E 94 -5.49 14.44 19.14
C THR E 94 -4.88 13.06 18.89
N ARG E 95 -5.20 12.06 19.70
CA ARG E 95 -4.55 10.76 19.57
C ARG E 95 -4.99 10.04 18.28
N SER E 96 -6.29 10.09 17.97
CA SER E 96 -6.79 9.39 16.79
C SER E 96 -6.20 9.98 15.52
N ALA E 97 -6.20 11.32 15.41
CA ALA E 97 -5.63 11.96 14.23
C ALA E 97 -4.11 11.78 14.18
N PHE E 98 -3.47 11.63 15.34
CA PHE E 98 -2.03 11.33 15.38
C PHE E 98 -1.74 10.01 14.69
N LEU E 99 -2.51 8.97 15.02
CA LEU E 99 -2.34 7.67 14.39
C LEU E 99 -2.91 7.65 12.98
N ALA E 100 -3.97 8.41 12.73
CA ALA E 100 -4.54 8.48 11.38
C ALA E 100 -3.55 9.11 10.41
N ALA E 101 -2.82 10.12 10.87
CA ALA E 101 -1.75 10.71 10.07
C ALA E 101 -0.53 9.80 9.96
N HIS E 102 -0.56 8.65 10.62
CA HIS E 102 0.51 7.64 10.50
C HIS E 102 1.86 8.23 10.91
N ILE E 103 1.88 8.97 12.01
CA ILE E 103 3.10 9.63 12.48
C ILE E 103 4.10 8.64 13.07
N PRO E 104 3.69 7.65 13.89
CA PRO E 104 4.69 6.76 14.51
C PRO E 104 5.62 6.07 13.51
N LEU E 105 5.17 5.77 12.30
CA LEU E 105 6.01 5.08 11.32
C LEU E 105 7.28 5.86 10.95
N PHE E 106 7.37 7.13 11.32
CA PHE E 106 8.61 7.86 11.17
C PHE E 106 9.51 7.76 12.40
N LEU E 107 8.96 7.34 13.54
CA LEU E 107 9.77 6.92 14.67
C LEU E 107 10.31 5.51 14.49
N TYR E 108 9.63 4.69 13.69
CA TYR E 108 10.06 3.31 13.46
C TYR E 108 11.49 3.19 12.98
N PRO E 109 12.00 4.04 12.07
CA PRO E 109 13.43 3.94 11.73
C PRO E 109 14.35 4.16 12.92
N PHE E 110 13.94 4.95 13.91
CA PHE E 110 14.78 5.16 15.08
C PHE E 110 14.92 3.89 15.91
N LEU E 111 13.90 3.02 15.88
CA LEU E 111 13.95 1.76 16.62
C LEU E 111 14.75 0.68 15.89
N HIS E 112 15.13 0.89 14.64
CA HIS E 112 15.94 -0.09 13.93
C HIS E 112 17.43 0.10 14.14
N THR E 113 17.85 1.22 14.72
CA THR E 113 19.26 1.50 14.90
C THR E 113 19.88 0.58 15.95
N VAL E 114 21.15 0.25 15.74
CA VAL E 114 21.90 -0.66 16.60
C VAL E 114 23.13 0.01 17.20
N SER E 115 23.43 1.25 16.79
CA SER E 115 24.71 1.90 17.03
C SER E 115 25.22 1.74 18.46
N LYS E 116 24.34 1.88 19.46
CA LYS E 116 24.60 1.79 20.90
C LYS E 116 25.34 3.01 21.46
N THR E 117 25.59 4.05 20.66
CA THR E 117 26.12 5.28 21.21
C THR E 117 25.06 6.00 22.04
N ARG E 118 25.50 6.91 22.89
CA ARG E 118 24.55 7.64 23.72
C ARG E 118 23.56 8.49 22.91
N PRO E 119 23.95 9.20 21.86
CA PRO E 119 22.93 9.87 21.03
C PRO E 119 21.93 8.90 20.42
N PHE E 120 22.37 7.71 20.01
CA PHE E 120 21.46 6.71 19.46
C PHE E 120 20.73 5.93 20.54
N GLU E 121 21.37 5.69 21.69
CA GLU E 121 20.68 5.05 22.80
C GLU E 121 19.59 5.95 23.38
N TYR E 122 19.82 7.26 23.39
CA TYR E 122 18.79 8.19 23.83
C TYR E 122 17.68 8.31 22.79
N LEU E 123 18.05 8.33 21.51
CA LEU E 123 17.05 8.41 20.45
C LEU E 123 16.13 7.20 20.48
N ARG E 124 16.69 6.01 20.69
CA ARG E 124 15.85 4.81 20.79
C ARG E 124 14.95 4.86 22.02
N LEU E 125 15.49 5.36 23.14
CA LEU E 125 14.73 5.36 24.38
C LEU E 125 13.56 6.35 24.34
N THR E 126 13.73 7.48 23.65
CA THR E 126 12.62 8.42 23.52
C THR E 126 11.58 7.90 22.54
N SER E 127 12.01 7.27 21.45
CA SER E 127 11.06 6.66 20.52
C SER E 127 10.30 5.51 21.18
N LEU E 128 10.97 4.72 22.01
CA LEU E 128 10.29 3.67 22.76
C LEU E 128 9.30 4.25 23.75
N GLY E 129 9.56 5.45 24.27
CA GLY E 129 8.63 6.07 25.20
C GLY E 129 7.36 6.55 24.53
N VAL E 130 7.44 6.88 23.25
CA VAL E 130 6.24 7.31 22.52
C VAL E 130 5.29 6.13 22.34
N ILE E 131 5.79 5.04 21.76
CA ILE E 131 4.96 3.84 21.61
C ILE E 131 4.61 3.25 22.97
N GLY E 132 5.52 3.36 23.93
CA GLY E 132 5.21 2.89 25.28
C GLY E 132 4.13 3.71 25.95
N ALA E 133 4.05 5.00 25.64
CA ALA E 133 2.95 5.81 26.12
C ALA E 133 1.65 5.46 25.42
N LEU E 134 1.73 5.03 24.16
CA LEU E 134 0.54 4.67 23.40
C LEU E 134 -0.06 3.36 23.90
N VAL E 135 0.79 2.36 24.20
CA VAL E 135 0.28 1.07 24.64
C VAL E 135 -0.35 1.17 26.02
N LYS E 136 0.13 2.10 26.84
CA LYS E 136 -0.39 2.22 28.20
C LYS E 136 -1.79 2.82 28.22
N THR E 137 -2.21 3.51 27.16
CA THR E 137 -3.54 4.10 27.13
C THR E 137 -4.64 3.05 27.20
N ASP E 138 -4.32 1.78 26.92
CA ASP E 138 -5.29 0.69 26.89
C ASP E 138 -6.45 1.03 25.95
N GLU E 139 -6.08 1.26 24.69
CA GLU E 139 -7.03 1.67 23.66
C GLU E 139 -6.93 0.72 22.47
N GLN E 140 -8.08 0.24 22.01
CA GLN E 140 -8.09 -0.74 20.93
C GLN E 140 -7.54 -0.17 19.63
N GLU E 141 -7.72 1.14 19.41
CA GLU E 141 -7.16 1.76 18.20
C GLU E 141 -5.64 1.80 18.24
N VAL E 142 -5.03 1.78 19.43
CA VAL E 142 -3.58 1.68 19.52
C VAL E 142 -3.11 0.26 19.22
N ILE E 143 -3.90 -0.74 19.61
CA ILE E 143 -3.51 -2.13 19.38
C ILE E 143 -3.62 -2.48 17.89
N ASN E 144 -4.70 -2.04 17.24
CA ASN E 144 -4.89 -2.38 15.82
C ASN E 144 -3.89 -1.64 14.94
N PHE E 145 -3.45 -0.45 15.35
CA PHE E 145 -2.46 0.27 14.56
C PHE E 145 -1.09 -0.37 14.68
N LEU E 146 -0.70 -0.77 15.89
CA LEU E 146 0.65 -1.28 16.11
C LEU E 146 0.85 -2.62 15.42
N LEU E 147 -0.13 -3.52 15.51
CA LEU E 147 0.03 -4.87 14.96
C LEU E 147 0.39 -4.83 13.47
N THR E 148 -0.39 -4.11 12.68
CA THR E 148 -0.24 -4.13 11.24
C THR E 148 0.90 -3.24 10.73
N THR E 149 1.57 -2.50 11.61
CA THR E 149 2.70 -1.66 11.22
C THR E 149 4.04 -2.31 11.52
N GLU E 150 4.04 -3.58 11.96
CA GLU E 150 5.25 -4.34 12.20
C GLU E 150 6.12 -3.71 13.28
N ILE E 151 5.48 -3.28 14.37
CA ILE E 151 6.26 -2.81 15.51
C ILE E 151 6.88 -4.01 16.23
N ILE E 152 6.17 -5.14 16.26
CA ILE E 152 6.67 -6.33 16.95
C ILE E 152 8.01 -6.79 16.39
N PRO E 153 8.20 -6.89 15.06
CA PRO E 153 9.56 -7.22 14.58
C PRO E 153 10.61 -6.24 15.05
N LEU E 154 10.27 -4.94 15.11
CA LEU E 154 11.22 -3.96 15.64
C LEU E 154 11.50 -4.23 17.11
N CYS E 155 10.46 -4.50 17.89
CA CYS E 155 10.65 -4.76 19.32
C CYS E 155 11.56 -5.95 19.56
N LEU E 156 11.26 -7.10 18.93
CA LEU E 156 12.04 -8.31 19.14
C LEU E 156 13.52 -8.12 18.78
N ARG E 157 13.83 -7.17 17.89
CA ARG E 157 15.23 -6.83 17.65
C ARG E 157 15.84 -6.17 18.88
N ILE E 158 15.10 -5.26 19.53
CA ILE E 158 15.62 -4.57 20.70
C ILE E 158 15.67 -5.52 21.91
N MET E 159 14.62 -6.33 22.09
CA MET E 159 14.62 -7.29 23.19
C MET E 159 15.78 -8.27 23.09
N GLU E 160 16.28 -8.50 21.88
CA GLU E 160 17.38 -9.44 21.68
C GLU E 160 18.75 -8.79 21.90
N SER E 161 18.97 -7.60 21.34
CA SER E 161 20.29 -6.97 21.33
C SER E 161 20.14 -5.47 21.61
N GLY E 162 20.05 -5.14 22.90
CA GLY E 162 19.97 -3.74 23.30
C GLY E 162 20.25 -3.62 24.77
N SER E 163 20.38 -2.37 25.23
CA SER E 163 20.60 -2.11 26.64
C SER E 163 19.43 -2.64 27.45
N GLU E 164 19.70 -2.95 28.72
CA GLU E 164 18.70 -3.61 29.56
C GLU E 164 17.44 -2.77 29.70
N LEU E 165 17.56 -1.45 29.67
CA LEU E 165 16.37 -0.59 29.67
C LEU E 165 15.62 -0.69 28.35
N SER E 166 16.35 -0.67 27.23
CA SER E 166 15.70 -0.85 25.93
C SER E 166 14.98 -2.18 25.87
N LYS E 167 15.59 -3.24 26.42
CA LYS E 167 14.95 -4.54 26.47
C LYS E 167 13.69 -4.50 27.34
N THR E 168 13.77 -3.80 28.48
CA THR E 168 12.64 -3.76 29.40
C THR E 168 11.48 -2.96 28.82
N VAL E 169 11.77 -1.82 28.18
CA VAL E 169 10.70 -1.04 27.57
C VAL E 169 10.08 -1.80 26.40
N ALA E 170 10.90 -2.50 25.62
CA ALA E 170 10.38 -3.23 24.46
C ALA E 170 9.54 -4.44 24.89
N THR E 171 10.03 -5.21 25.87
CA THR E 171 9.24 -6.32 26.37
C THR E 171 7.93 -5.85 26.99
N PHE E 172 7.93 -4.64 27.57
CA PHE E 172 6.70 -4.07 28.10
C PHE E 172 5.70 -3.76 26.99
N ILE E 173 6.18 -3.29 25.84
CA ILE E 173 5.30 -3.04 24.70
C ILE E 173 4.75 -4.36 24.17
N LEU E 174 5.64 -5.35 23.99
CA LEU E 174 5.21 -6.67 23.55
C LEU E 174 4.30 -7.33 24.58
N GLN E 175 4.48 -7.00 25.86
CA GLN E 175 3.58 -7.43 26.93
C GLN E 175 2.18 -6.88 26.71
N LYS E 176 2.04 -5.55 26.75
CA LYS E 176 0.72 -4.93 26.63
C LYS E 176 0.00 -5.38 25.37
N ILE E 177 0.74 -5.57 24.27
CA ILE E 177 0.13 -6.05 23.04
C ILE E 177 -0.41 -7.47 23.23
N LEU E 178 0.38 -8.33 23.87
CA LEU E 178 -0.05 -9.70 24.09
C LEU E 178 -1.24 -9.78 25.04
N LEU E 179 -1.27 -8.93 26.06
CA LEU E 179 -2.36 -8.98 27.04
C LEU E 179 -3.69 -8.54 26.45
N ASP E 180 -3.69 -7.85 25.31
CA ASP E 180 -4.92 -7.58 24.59
C ASP E 180 -5.33 -8.81 23.79
N ASP E 181 -6.60 -9.19 23.90
CA ASP E 181 -7.08 -10.42 23.25
C ASP E 181 -6.77 -10.41 21.76
N THR E 182 -6.96 -9.27 21.10
CA THR E 182 -6.70 -9.19 19.66
C THR E 182 -5.21 -9.26 19.36
N GLY E 183 -4.36 -8.80 20.28
CA GLY E 183 -2.93 -8.93 20.09
C GLY E 183 -2.45 -10.35 20.25
N LEU E 184 -3.00 -11.08 21.23
CA LEU E 184 -2.65 -12.47 21.41
C LEU E 184 -3.09 -13.32 20.22
N ALA E 185 -4.28 -13.04 19.68
CA ALA E 185 -4.75 -13.79 18.52
C ALA E 185 -3.91 -13.47 17.28
N TYR E 186 -3.49 -12.21 17.13
CA TYR E 186 -2.71 -11.83 15.96
C TYR E 186 -1.30 -12.42 16.01
N ILE E 187 -0.67 -12.41 17.19
CA ILE E 187 0.69 -12.92 17.32
C ILE E 187 0.74 -14.43 17.12
N CYS E 188 -0.37 -15.11 17.40
CA CYS E 188 -0.41 -16.56 17.31
C CYS E 188 -1.25 -17.10 16.16
N GLN E 189 -1.77 -16.22 15.29
CA GLN E 189 -2.53 -16.69 14.13
CA GLN E 189 -2.54 -16.72 14.16
C GLN E 189 -1.65 -17.39 13.12
N THR E 190 -0.36 -17.05 13.08
CA THR E 190 0.59 -17.63 12.14
C THR E 190 1.76 -18.21 12.92
N TYR E 191 2.22 -19.40 12.52
CA TYR E 191 3.32 -20.05 13.22
C TYR E 191 4.58 -19.19 13.20
N GLU E 192 4.82 -18.50 12.08
CA GLU E 192 5.98 -17.61 12.00
C GLU E 192 5.92 -16.57 13.10
N ARG E 193 4.77 -15.90 13.24
CA ARG E 193 4.66 -14.82 14.21
C ARG E 193 4.91 -15.31 15.63
N PHE E 194 4.38 -16.48 15.98
CA PHE E 194 4.69 -17.07 17.28
C PHE E 194 6.16 -17.46 17.37
N SER E 195 6.66 -18.20 16.38
CA SER E 195 8.02 -18.73 16.45
C SER E 195 9.05 -17.62 16.61
N HIS E 196 8.87 -16.50 15.91
CA HIS E 196 9.78 -15.37 16.07
C HIS E 196 9.71 -14.81 17.49
N VAL E 197 8.50 -14.76 18.08
CA VAL E 197 8.36 -14.29 19.45
C VAL E 197 8.95 -15.30 20.43
N ALA E 198 8.71 -16.59 20.19
CA ALA E 198 9.21 -17.61 21.10
C ALA E 198 10.75 -17.67 21.07
N MET E 199 11.34 -17.56 19.89
CA MET E 199 12.80 -17.65 19.79
C MET E 199 13.49 -16.52 20.54
N ILE E 200 12.95 -15.31 20.45
CA ILE E 200 13.51 -14.18 21.21
C ILE E 200 13.33 -14.41 22.70
N LEU E 201 12.08 -14.64 23.14
CA LEU E 201 11.78 -14.82 24.56
C LEU E 201 12.65 -15.91 25.18
N GLY E 202 12.90 -16.99 24.43
CA GLY E 202 13.79 -18.03 24.94
C GLY E 202 15.24 -17.58 24.99
N LYS E 203 15.66 -16.77 24.02
CA LYS E 203 17.05 -16.31 24.01
C LYS E 203 17.33 -15.37 25.17
N MET E 204 16.38 -14.49 25.50
CA MET E 204 16.58 -13.61 26.66
C MET E 204 16.68 -14.42 27.94
N VAL E 205 15.94 -15.52 28.04
CA VAL E 205 16.02 -16.37 29.23
C VAL E 205 17.42 -16.97 29.35
N LEU E 206 18.01 -17.36 28.22
CA LEU E 206 19.39 -17.84 28.22
C LEU E 206 20.34 -16.76 28.73
N GLN E 207 20.25 -15.56 28.16
CA GLN E 207 21.12 -14.47 28.55
C GLN E 207 20.73 -13.82 29.88
N LEU E 208 19.55 -14.15 30.42
CA LEU E 208 19.21 -13.70 31.76
C LEU E 208 19.81 -14.59 32.84
N SER E 209 20.30 -15.77 32.47
CA SER E 209 21.11 -16.59 33.37
C SER E 209 22.59 -16.20 33.31
N LYS E 210 23.07 -15.75 32.15
CA LYS E 210 24.44 -15.27 32.06
C LYS E 210 24.60 -13.90 32.71
N GLU E 211 23.55 -13.09 32.69
CA GLU E 211 23.51 -11.81 33.40
C GLU E 211 22.07 -11.55 33.83
N PRO E 212 21.81 -11.45 35.14
CA PRO E 212 20.42 -11.38 35.61
C PRO E 212 19.87 -9.96 35.64
N SER E 213 18.57 -9.86 35.35
CA SER E 213 17.84 -8.60 35.47
C SER E 213 16.45 -8.94 35.98
N ALA E 214 16.15 -8.49 37.20
CA ALA E 214 14.87 -8.85 37.83
C ALA E 214 13.70 -8.24 37.07
N ARG E 215 13.85 -7.03 36.55
CA ARG E 215 12.77 -6.41 35.80
C ARG E 215 12.50 -7.16 34.49
N LEU E 216 13.56 -7.36 33.69
CA LEU E 216 13.39 -8.04 32.40
C LEU E 216 12.78 -9.42 32.58
N LEU E 217 13.20 -10.15 33.62
CA LEU E 217 12.62 -11.46 33.88
C LEU E 217 11.14 -11.34 34.24
N LYS E 218 10.76 -10.28 34.95
CA LYS E 218 9.35 -10.11 35.33
C LYS E 218 8.45 -9.92 34.11
N HIS E 219 8.94 -9.17 33.11
CA HIS E 219 8.16 -8.96 31.90
C HIS E 219 8.27 -10.15 30.94
N VAL E 220 9.38 -10.88 30.97
CA VAL E 220 9.49 -12.08 30.15
C VAL E 220 8.57 -13.19 30.67
N VAL E 221 8.40 -13.27 31.99
CA VAL E 221 7.53 -14.30 32.57
C VAL E 221 6.06 -14.00 32.25
N ARG E 222 5.65 -12.74 32.37
CA ARG E 222 4.27 -12.39 32.04
C ARG E 222 3.99 -12.64 30.55
N CYS E 223 4.98 -12.39 29.70
CA CYS E 223 4.84 -12.70 28.28
C CYS E 223 4.59 -14.20 28.08
N TYR E 224 5.40 -15.03 28.74
CA TYR E 224 5.18 -16.49 28.66
C TYR E 224 3.86 -16.89 29.29
N LEU E 225 3.44 -16.18 30.35
CA LEU E 225 2.12 -16.43 30.93
C LEU E 225 1.01 -16.10 29.94
N ARG E 226 1.04 -14.89 29.38
CA ARG E 226 -0.03 -14.45 28.49
C ARG E 226 -0.10 -15.32 27.24
N LEU E 227 1.07 -15.71 26.71
CA LEU E 227 1.10 -16.64 25.59
C LEU E 227 0.44 -17.97 25.97
N SER E 228 0.67 -18.43 27.20
CA SER E 228 0.10 -19.69 27.66
C SER E 228 -1.43 -19.67 27.69
N ASP E 229 -2.07 -18.51 27.54
CA ASP E 229 -3.53 -18.43 27.50
C ASP E 229 -4.11 -18.91 26.18
N ASN E 230 -3.27 -19.10 25.15
CA ASN E 230 -3.71 -19.57 23.83
C ASN E 230 -3.44 -21.06 23.69
N PRO E 231 -4.43 -21.86 23.29
CA PRO E 231 -4.18 -23.30 23.14
C PRO E 231 -3.04 -23.63 22.19
N ARG E 232 -3.05 -23.06 20.98
CA ARG E 232 -1.95 -23.31 20.05
C ARG E 232 -0.62 -22.86 20.63
N ALA E 233 -0.63 -21.80 21.43
CA ALA E 233 0.58 -21.32 22.08
C ALA E 233 0.92 -22.16 23.31
N ARG E 234 -0.08 -22.71 23.98
CA ARG E 234 0.17 -23.61 25.10
C ARG E 234 0.95 -24.84 24.66
N GLU E 235 0.57 -25.43 23.53
CA GLU E 235 1.19 -26.67 23.08
C GLU E 235 2.66 -26.44 22.70
N ALA E 236 2.94 -25.38 21.94
CA ALA E 236 4.32 -25.11 21.54
C ALA E 236 5.20 -24.82 22.74
N LEU E 237 4.66 -24.08 23.72
CA LEU E 237 5.46 -23.69 24.89
C LEU E 237 5.81 -24.89 25.76
N ARG E 238 4.94 -25.90 25.82
CA ARG E 238 5.20 -27.02 26.71
C ARG E 238 6.37 -27.87 26.23
N GLN E 239 6.59 -27.95 24.93
CA GLN E 239 7.68 -28.75 24.38
C GLN E 239 8.96 -27.95 24.18
N CYS E 240 8.91 -26.61 24.27
CA CYS E 240 10.11 -25.81 24.07
C CYS E 240 10.20 -24.65 25.05
N LEU E 241 9.58 -24.76 26.23
CA LEU E 241 9.81 -23.77 27.26
C LEU E 241 11.31 -23.73 27.56
N PRO E 242 11.92 -22.55 27.63
CA PRO E 242 13.34 -22.48 28.01
C PRO E 242 13.58 -23.20 29.33
N ASP E 243 14.51 -24.16 29.30
CA ASP E 243 14.68 -25.07 30.43
C ASP E 243 15.05 -24.32 31.71
N GLN E 244 15.68 -23.14 31.60
CA GLN E 244 16.08 -22.39 32.78
C GLN E 244 14.92 -22.13 33.73
N LEU E 245 13.72 -21.95 33.18
CA LEU E 245 12.50 -22.04 33.98
C LEU E 245 12.21 -23.51 34.22
N LYS E 246 12.20 -23.93 35.48
CA LYS E 246 12.15 -25.30 36.01
C LYS E 246 13.56 -25.88 36.15
N ASP E 247 14.61 -25.12 35.84
CA ASP E 247 15.99 -25.55 36.02
C ASP E 247 16.59 -25.06 37.32
N THR E 248 15.78 -24.50 38.22
CA THR E 248 16.23 -23.86 39.46
C THR E 248 17.41 -22.90 39.23
N THR E 249 17.54 -22.37 38.02
CA THR E 249 18.56 -21.36 37.73
C THR E 249 18.16 -19.99 38.24
N PHE E 250 16.85 -19.71 38.32
CA PHE E 250 16.34 -18.42 38.73
C PHE E 250 15.75 -18.42 40.14
N ALA E 251 16.03 -19.47 40.93
CA ALA E 251 15.39 -19.60 42.24
C ALA E 251 15.80 -18.45 43.17
N GLN E 252 17.03 -17.98 43.06
CA GLN E 252 17.52 -16.96 43.98
C GLN E 252 16.90 -15.59 43.69
N VAL E 253 16.66 -15.27 42.41
CA VAL E 253 16.08 -13.97 42.07
C VAL E 253 14.68 -13.81 42.66
N LEU E 254 13.96 -14.93 42.80
CA LEU E 254 12.51 -14.85 43.01
C LEU E 254 12.15 -14.27 44.38
N LYS E 255 12.97 -14.51 45.41
CA LYS E 255 12.58 -14.19 46.78
C LYS E 255 12.09 -12.75 46.92
N ASP E 256 12.71 -11.81 46.21
CA ASP E 256 12.34 -10.40 46.38
C ASP E 256 10.99 -10.11 45.73
N ASP E 257 10.72 -10.69 44.56
CA ASP E 257 9.50 -10.44 43.81
C ASP E 257 8.54 -11.60 44.02
N THR E 258 7.54 -11.40 44.88
CA THR E 258 6.52 -12.42 45.08
C THR E 258 5.57 -12.52 43.88
N THR E 259 5.44 -11.45 43.10
CA THR E 259 4.56 -11.50 41.94
C THR E 259 5.15 -12.36 40.83
N THR E 260 6.47 -12.35 40.66
CA THR E 260 7.11 -13.13 39.61
C THR E 260 6.97 -14.63 39.88
N LYS E 261 7.04 -15.04 41.15
CA LYS E 261 6.79 -16.44 41.48
C LYS E 261 5.36 -16.83 41.15
N ARG E 262 4.40 -15.98 41.50
CA ARG E 262 3.00 -16.24 41.17
C ARG E 262 2.80 -16.35 39.67
N TRP E 263 3.47 -15.47 38.90
CA TRP E 263 3.33 -15.53 37.44
C TRP E 263 4.00 -16.78 36.88
N LEU E 264 5.18 -17.14 37.40
CA LEU E 264 5.84 -18.36 36.94
C LEU E 264 5.12 -19.60 37.42
N ALA E 265 4.53 -19.55 38.62
CA ALA E 265 3.79 -20.70 39.14
C ALA E 265 2.66 -21.09 38.20
N GLN E 266 1.82 -20.13 37.82
CA GLN E 266 0.70 -20.44 36.94
C GLN E 266 1.16 -20.78 35.53
N LEU E 267 2.35 -20.35 35.12
CA LEU E 267 2.83 -20.68 33.78
C LEU E 267 3.08 -22.18 33.66
N VAL E 268 3.88 -22.74 34.57
CA VAL E 268 4.17 -24.17 34.51
C VAL E 268 2.91 -24.99 34.79
N LYS E 269 2.00 -24.47 35.62
CA LYS E 269 0.76 -25.18 35.87
C LYS E 269 -0.19 -25.07 34.69
N ASN E 270 -0.13 -23.97 33.94
CA ASN E 270 -0.98 -23.83 32.76
C ASN E 270 -0.59 -24.83 31.69
N LEU E 271 0.72 -25.02 31.47
CA LEU E 271 1.22 -26.02 30.53
C LEU E 271 1.40 -27.39 31.17
N GLN E 272 0.55 -27.75 32.14
CA GLN E 272 0.62 -29.07 32.74
C GLN E 272 0.40 -30.15 31.69
N GLU E 273 0.85 -31.35 32.01
CA GLU E 273 0.68 -32.48 31.10
C GLU E 273 -0.80 -32.73 30.83
N PRO F 9 27.25 14.77 8.21
CA PRO F 9 27.75 14.29 6.92
C PRO F 9 27.80 15.38 5.85
N GLN F 10 27.76 14.96 4.59
CA GLN F 10 27.95 15.85 3.46
C GLN F 10 27.36 15.19 2.22
N PRO F 11 26.94 15.96 1.22
CA PRO F 11 26.37 15.36 0.01
C PRO F 11 27.43 15.21 -1.08
N GLN F 12 26.99 14.98 -2.32
CA GLN F 12 27.92 14.89 -3.44
C GLN F 12 27.23 15.23 -4.75
N TYR F 13 25.93 14.92 -4.84
CA TYR F 13 25.17 15.12 -6.06
C TYR F 13 23.86 15.82 -5.70
N SER F 14 23.61 16.96 -6.34
CA SER F 14 22.34 17.66 -6.17
C SER F 14 21.21 16.85 -6.82
N TYR F 15 19.99 17.37 -6.70
CA TYR F 15 18.84 16.67 -7.23
C TYR F 15 18.97 16.46 -8.74
N HIS F 16 19.19 17.54 -9.49
CA HIS F 16 19.26 17.45 -10.95
C HIS F 16 20.53 16.78 -11.45
N ASP F 17 21.46 16.44 -10.56
CA ASP F 17 22.75 15.93 -11.01
C ASP F 17 22.66 14.53 -11.60
N ILE F 18 21.67 13.74 -11.18
CA ILE F 18 21.55 12.34 -11.59
C ILE F 18 20.28 12.18 -12.41
N ASN F 19 20.40 11.47 -13.53
CA ASN F 19 19.26 11.14 -14.38
C ASN F 19 18.83 9.72 -14.11
N VAL F 20 17.51 9.52 -13.98
CA VAL F 20 16.94 8.21 -13.69
C VAL F 20 16.18 7.66 -14.89
N TYR F 21 16.38 8.23 -16.08
CA TYR F 21 15.85 7.63 -17.30
C TYR F 21 16.27 6.16 -17.38
N SER F 22 17.56 5.89 -17.18
CA SER F 22 18.05 4.52 -17.17
C SER F 22 19.18 4.41 -16.16
N LEU F 23 19.60 3.17 -15.92
CA LEU F 23 20.74 2.90 -15.05
C LEU F 23 22.03 3.44 -15.62
N ALA F 24 22.06 3.78 -16.91
CA ALA F 24 23.22 4.47 -17.48
C ALA F 24 23.43 5.82 -16.81
N GLY F 25 22.36 6.44 -16.30
CA GLY F 25 22.51 7.67 -15.55
C GLY F 25 23.41 7.52 -14.34
N LEU F 26 23.47 6.31 -13.77
CA LEU F 26 24.45 6.03 -12.74
C LEU F 26 25.86 6.25 -13.26
N ALA F 27 26.22 5.54 -14.35
CA ALA F 27 27.55 5.39 -14.94
C ALA F 27 28.47 6.60 -14.83
N PRO F 28 28.05 7.82 -15.19
CA PRO F 28 29.00 8.94 -15.15
C PRO F 28 29.46 9.32 -13.75
N HIS F 29 28.60 9.19 -12.74
CA HIS F 29 28.92 9.73 -11.43
C HIS F 29 29.74 8.80 -10.54
N ILE F 30 29.92 7.53 -10.92
CA ILE F 30 30.74 6.62 -10.10
C ILE F 30 32.14 7.18 -9.96
N THR F 31 32.62 7.22 -8.72
CA THR F 31 33.98 7.66 -8.44
C THR F 31 34.94 6.50 -8.61
N LEU F 32 36.12 6.79 -9.15
CA LEU F 32 37.10 5.75 -9.45
C LEU F 32 37.85 5.31 -8.20
N ASN F 33 38.44 6.26 -7.47
CA ASN F 33 39.40 6.02 -6.40
C ASN F 33 40.47 5.05 -6.92
N PRO F 34 41.42 5.54 -7.71
CA PRO F 34 42.29 4.62 -8.47
C PRO F 34 43.31 3.90 -7.62
N THR F 35 43.62 4.37 -6.41
CA THR F 35 44.48 3.62 -5.53
C THR F 35 43.71 2.42 -4.98
N ILE F 36 44.20 1.22 -5.24
CA ILE F 36 43.45 0.00 -4.95
C ILE F 36 44.37 -1.15 -4.57
N PRO F 37 43.85 -2.19 -3.92
CA PRO F 37 44.66 -3.39 -3.65
C PRO F 37 44.66 -4.42 -4.77
N LEU F 38 43.82 -4.27 -5.78
CA LEU F 38 43.74 -5.28 -6.83
C LEU F 38 44.01 -4.71 -8.21
N PHE F 39 43.31 -3.64 -8.62
CA PHE F 39 43.38 -3.16 -10.00
C PHE F 39 44.80 -2.79 -10.43
N GLN F 40 45.72 -2.66 -9.48
CA GLN F 40 47.11 -2.36 -9.80
C GLN F 40 47.80 -3.65 -10.27
N ALA F 41 48.46 -3.57 -11.42
CA ALA F 41 48.94 -4.73 -12.17
C ALA F 41 47.79 -5.64 -12.61
N HIS F 42 46.56 -5.13 -12.59
CA HIS F 42 45.38 -5.85 -13.06
C HIS F 42 44.44 -4.85 -13.72
N PRO F 43 44.75 -4.41 -14.95
CA PRO F 43 43.84 -3.49 -15.65
C PRO F 43 42.52 -4.12 -16.04
N GLN F 44 42.37 -5.42 -15.85
CA GLN F 44 41.21 -6.15 -16.36
C GLN F 44 40.00 -6.06 -15.43
N LEU F 45 40.22 -5.87 -14.12
CA LEU F 45 39.15 -5.99 -13.14
C LEU F 45 38.62 -4.65 -12.64
N LYS F 46 39.14 -3.52 -13.13
CA LYS F 46 38.48 -2.24 -12.90
C LYS F 46 37.03 -2.28 -13.35
N GLN F 47 36.76 -3.14 -14.30
CA GLN F 47 35.62 -2.99 -15.19
C GLN F 47 34.44 -3.88 -14.76
N CYS F 48 34.62 -4.68 -13.70
CA CYS F 48 33.54 -5.48 -13.14
C CYS F 48 32.58 -4.66 -12.27
N VAL F 49 32.97 -3.45 -11.84
CA VAL F 49 32.24 -2.77 -10.78
C VAL F 49 30.93 -2.13 -11.28
N ARG F 50 30.90 -1.61 -12.52
CA ARG F 50 29.73 -0.87 -12.97
C ARG F 50 28.48 -1.74 -13.04
N GLN F 51 28.59 -2.92 -13.65
CA GLN F 51 27.43 -3.80 -13.76
C GLN F 51 26.92 -4.22 -12.38
N ALA F 52 27.81 -4.31 -11.39
CA ALA F 52 27.37 -4.70 -10.04
C ALA F 52 26.61 -3.56 -9.37
N ILE F 53 27.08 -2.32 -9.53
CA ILE F 53 26.38 -1.17 -8.96
C ILE F 53 24.97 -1.09 -9.53
N GLU F 54 24.84 -1.21 -10.85
CA GLU F 54 23.53 -1.25 -11.47
C GLU F 54 22.76 -2.50 -11.06
N ARG F 55 23.46 -3.63 -10.92
CA ARG F 55 22.81 -4.86 -10.49
C ARG F 55 22.12 -4.68 -9.14
N ALA F 56 22.76 -3.95 -8.23
CA ALA F 56 22.18 -3.74 -6.90
C ALA F 56 20.96 -2.82 -6.97
N VAL F 57 21.02 -1.78 -7.80
CA VAL F 57 19.90 -0.86 -7.90
C VAL F 57 18.72 -1.53 -8.62
N GLN F 58 19.00 -2.30 -9.67
CA GLN F 58 17.93 -2.87 -10.48
C GLN F 58 17.12 -3.91 -9.70
N GLU F 59 17.74 -4.60 -8.74
CA GLU F 59 17.01 -5.54 -7.91
C GLU F 59 16.31 -4.85 -6.74
N LEU F 60 16.71 -3.62 -6.41
CA LEU F 60 16.26 -2.96 -5.21
C LEU F 60 15.50 -1.66 -5.45
N VAL F 61 15.48 -1.13 -6.67
CA VAL F 61 14.83 0.16 -6.89
C VAL F 61 13.31 0.01 -6.82
N HIS F 62 12.77 -1.10 -7.34
CA HIS F 62 11.32 -1.21 -7.40
C HIS F 62 10.69 -1.44 -6.02
N PRO F 63 11.09 -2.44 -5.24
CA PRO F 63 10.38 -2.66 -3.97
C PRO F 63 10.61 -1.57 -2.95
N VAL F 64 11.73 -0.83 -3.05
CA VAL F 64 11.98 0.27 -2.13
C VAL F 64 11.12 1.48 -2.48
N VAL F 65 10.99 1.77 -3.77
CA VAL F 65 10.18 2.92 -4.19
C VAL F 65 8.73 2.73 -3.77
N ASP F 66 8.20 1.50 -3.91
CA ASP F 66 6.81 1.27 -3.53
C ASP F 66 6.60 1.43 -2.02
N ARG F 67 7.59 1.06 -1.20
CA ARG F 67 7.40 1.18 0.24
C ARG F 67 7.55 2.62 0.70
N SER F 68 8.54 3.35 0.18
CA SER F 68 8.69 4.75 0.54
C SER F 68 7.45 5.55 0.21
N ILE F 69 6.78 5.20 -0.89
CA ILE F 69 5.50 5.86 -1.21
C ILE F 69 4.46 5.54 -0.15
N LYS F 70 4.37 4.29 0.28
CA LYS F 70 3.31 3.87 1.18
C LYS F 70 3.37 4.62 2.52
N ILE F 71 4.57 4.72 3.10
CA ILE F 71 4.70 5.35 4.40
C ILE F 71 4.45 6.85 4.30
N ALA F 72 5.05 7.51 3.30
CA ALA F 72 4.97 8.95 3.21
C ALA F 72 3.62 9.43 2.71
N MET F 73 2.90 8.61 1.94
CA MET F 73 1.70 9.07 1.25
C MET F 73 0.60 9.45 2.23
N THR F 74 0.17 8.49 3.06
CA THR F 74 -0.92 8.76 4.00
C THR F 74 -0.56 9.86 4.97
N THR F 75 0.71 9.97 5.35
CA THR F 75 1.12 11.01 6.29
C THR F 75 0.98 12.39 5.66
N CYS F 76 1.58 12.59 4.48
CA CYS F 76 1.57 13.91 3.85
C CYS F 76 0.14 14.39 3.58
N GLU F 77 -0.72 13.49 3.10
CA GLU F 77 -2.07 13.89 2.74
C GLU F 77 -2.83 14.46 3.93
N GLN F 78 -2.82 13.75 5.06
CA GLN F 78 -3.57 14.22 6.22
C GLN F 78 -2.98 15.48 6.82
N ILE F 79 -1.67 15.67 6.69
CA ILE F 79 -1.03 16.88 7.24
C ILE F 79 -1.25 18.06 6.31
N VAL F 80 -1.08 17.87 5.01
CA VAL F 80 -1.29 18.97 4.07
C VAL F 80 -2.76 19.36 4.02
N ARG F 81 -3.66 18.38 4.05
CA ARG F 81 -5.09 18.69 4.05
C ARG F 81 -5.49 19.43 5.32
N LYS F 82 -4.92 19.06 6.46
CA LYS F 82 -5.24 19.74 7.72
C LYS F 82 -4.73 21.17 7.70
N ASP F 83 -3.49 21.37 7.28
CA ASP F 83 -2.90 22.72 7.27
C ASP F 83 -3.62 23.62 6.28
N PHE F 84 -3.77 23.16 5.04
CA PHE F 84 -4.41 23.94 3.98
C PHE F 84 -5.92 23.75 3.95
N ALA F 85 -6.54 23.49 5.09
CA ALA F 85 -7.99 23.27 5.12
C ALA F 85 -8.75 24.56 4.87
N LEU F 86 -8.23 25.69 5.37
CA LEU F 86 -8.89 26.98 5.21
C LEU F 86 -8.45 27.71 3.95
N ASP F 87 -7.28 27.38 3.39
CA ASP F 87 -6.88 27.97 2.12
C ASP F 87 -7.76 27.44 1.00
N SER F 88 -8.18 28.34 0.12
CA SER F 88 -9.06 27.98 -0.99
C SER F 88 -8.33 27.87 -2.32
N GLU F 89 -7.03 28.15 -2.34
CA GLU F 89 -6.23 28.06 -3.57
C GLU F 89 -5.54 26.71 -3.60
N GLU F 90 -5.99 25.85 -4.51
CA GLU F 90 -5.47 24.48 -4.61
C GLU F 90 -4.05 24.44 -5.15
N SER F 91 -3.60 25.47 -5.88
CA SER F 91 -2.24 25.46 -6.39
C SER F 91 -1.22 25.58 -5.28
N ARG F 92 -1.54 26.37 -4.25
CA ARG F 92 -0.64 26.49 -3.10
C ARG F 92 -0.58 25.18 -2.33
N MET F 93 -1.71 24.47 -2.23
CA MET F 93 -1.71 23.17 -1.58
C MET F 93 -0.91 22.15 -2.38
N ARG F 94 -1.08 22.15 -3.71
CA ARG F 94 -0.36 21.19 -4.55
C ARG F 94 1.14 21.41 -4.47
N ILE F 95 1.59 22.66 -4.32
CA ILE F 95 3.01 22.92 -4.22
C ILE F 95 3.55 22.40 -2.89
N ALA F 96 2.91 22.77 -1.78
CA ALA F 96 3.40 22.35 -0.48
C ALA F 96 3.23 20.85 -0.26
N ALA F 97 2.23 20.24 -0.90
CA ALA F 97 2.07 18.79 -0.79
C ALA F 97 3.24 18.05 -1.43
N HIS F 98 3.61 18.45 -2.65
CA HIS F 98 4.74 17.82 -3.33
C HIS F 98 6.06 18.15 -2.66
N HIS F 99 6.16 19.35 -2.07
CA HIS F 99 7.35 19.71 -1.31
C HIS F 99 7.57 18.74 -0.14
N MET F 100 6.56 18.64 0.73
CA MET F 100 6.66 17.72 1.86
C MET F 100 6.76 16.27 1.39
N MET F 101 6.08 15.93 0.28
CA MET F 101 6.14 14.58 -0.23
C MET F 101 7.54 14.24 -0.74
N ARG F 102 8.12 15.11 -1.56
CA ARG F 102 9.50 14.91 -2.02
C ARG F 102 10.44 14.65 -0.85
N ASN F 103 10.24 15.37 0.26
CA ASN F 103 11.13 15.23 1.41
C ASN F 103 10.86 13.92 2.16
N LEU F 104 9.61 13.68 2.53
CA LEU F 104 9.28 12.48 3.31
C LEU F 104 9.57 11.21 2.52
N THR F 105 9.39 11.24 1.20
CA THR F 105 9.66 10.06 0.38
C THR F 105 11.16 9.79 0.30
N ALA F 106 11.95 10.83 0.01
CA ALA F 106 13.40 10.65 -0.06
C ALA F 106 13.97 10.21 1.28
N GLY F 107 13.37 10.65 2.39
CA GLY F 107 13.81 10.23 3.70
C GLY F 107 13.58 8.75 3.97
N MET F 108 12.32 8.32 3.85
CA MET F 108 12.00 6.90 4.08
C MET F 108 12.65 6.00 3.04
N ALA F 109 12.97 6.54 1.85
CA ALA F 109 13.67 5.75 0.86
C ALA F 109 15.12 5.50 1.28
N MET F 110 15.77 6.52 1.85
CA MET F 110 17.15 6.36 2.30
C MET F 110 17.25 5.43 3.50
N ILE F 111 16.24 5.42 4.36
CA ILE F 111 16.26 4.53 5.52
C ILE F 111 16.19 3.07 5.09
N THR F 112 15.42 2.79 4.03
CA THR F 112 15.16 1.43 3.60
C THR F 112 16.20 0.89 2.60
N CYS F 113 17.14 1.71 2.16
CA CYS F 113 18.01 1.39 1.03
C CYS F 113 19.45 1.13 1.41
N ARG F 114 20.07 2.00 2.22
CA ARG F 114 21.52 2.08 2.29
C ARG F 114 22.14 0.76 2.73
N GLU F 115 21.76 0.27 3.91
CA GLU F 115 22.35 -0.97 4.41
C GLU F 115 22.12 -2.15 3.47
N PRO F 116 20.91 -2.38 2.92
CA PRO F 116 20.80 -3.40 1.87
C PRO F 116 21.67 -3.11 0.67
N LEU F 117 21.80 -1.83 0.28
CA LEU F 117 22.65 -1.48 -0.85
C LEU F 117 24.13 -1.66 -0.52
N LEU F 118 24.54 -1.30 0.70
CA LEU F 118 25.91 -1.53 1.13
C LEU F 118 26.29 -3.00 0.99
N MET F 119 25.37 -3.90 1.32
CA MET F 119 25.60 -5.33 1.18
C MET F 119 25.20 -5.87 -0.18
N SER F 120 24.37 -5.15 -0.93
CA SER F 120 24.04 -5.59 -2.29
C SER F 120 25.15 -5.25 -3.28
N ILE F 121 25.82 -4.11 -3.09
CA ILE F 121 26.90 -3.72 -4.00
C ILE F 121 28.06 -4.70 -3.90
N SER F 122 28.58 -4.90 -2.68
CA SER F 122 29.81 -5.67 -2.51
C SER F 122 29.60 -7.13 -2.86
N THR F 123 28.53 -7.75 -2.35
CA THR F 123 28.28 -9.15 -2.64
C THR F 123 28.08 -9.38 -4.14
N ASN F 124 27.38 -8.47 -4.81
CA ASN F 124 27.21 -8.57 -6.25
C ASN F 124 28.53 -8.41 -6.99
N LEU F 125 29.45 -7.61 -6.44
CA LEU F 125 30.74 -7.41 -7.09
C LEU F 125 31.45 -8.74 -7.33
N LYS F 126 31.62 -9.53 -6.27
CA LYS F 126 32.15 -10.89 -6.37
C LYS F 126 33.53 -10.93 -7.03
N ASN F 127 33.61 -10.50 -8.29
CA ASN F 127 34.85 -10.35 -9.05
C ASN F 127 35.47 -11.68 -9.44
N SER F 128 35.61 -12.61 -8.49
CA SER F 128 36.41 -13.80 -8.72
C SER F 128 35.71 -14.80 -9.65
N PHE F 129 34.39 -14.96 -9.49
CA PHE F 129 33.66 -15.95 -10.28
C PHE F 129 33.86 -15.74 -11.77
N ALA F 130 33.82 -14.50 -12.23
CA ALA F 130 34.06 -14.17 -13.62
C ALA F 130 35.55 -13.99 -13.89
N ARG F 134 39.74 -15.74 -10.83
CA ARG F 134 39.64 -16.91 -9.97
C ARG F 134 41.00 -17.58 -9.81
N THR F 135 41.06 -18.56 -8.89
CA THR F 135 42.29 -19.22 -8.46
C THR F 135 43.26 -18.25 -7.78
N ALA F 136 42.77 -17.10 -7.34
CA ALA F 136 43.60 -16.19 -6.57
C ALA F 136 43.76 -16.71 -5.14
N SER F 137 44.92 -16.40 -4.55
CA SER F 137 45.25 -16.90 -3.22
C SER F 137 44.30 -16.33 -2.17
N PRO F 138 44.25 -16.94 -0.98
CA PRO F 138 43.43 -16.35 0.10
C PRO F 138 43.83 -14.94 0.45
N GLN F 139 45.13 -14.62 0.41
CA GLN F 139 45.55 -13.24 0.56
C GLN F 139 45.16 -12.40 -0.66
N GLN F 140 45.13 -13.02 -1.85
CA GLN F 140 44.70 -12.30 -3.05
C GLN F 140 43.19 -12.08 -3.04
N ARG F 141 42.43 -12.99 -2.45
CA ARG F 141 40.99 -12.80 -2.30
C ARG F 141 40.69 -11.62 -1.38
N GLU F 142 41.45 -11.49 -0.29
CA GLU F 142 41.17 -10.46 0.70
C GLU F 142 41.29 -9.07 0.09
N MET F 143 42.40 -8.79 -0.60
CA MET F 143 42.60 -7.48 -1.19
C MET F 143 41.60 -7.19 -2.30
N MET F 144 40.96 -8.23 -2.85
CA MET F 144 39.81 -8.00 -3.72
C MET F 144 38.58 -7.61 -2.91
N ASP F 145 38.35 -8.29 -1.78
CA ASP F 145 37.19 -7.98 -0.95
C ASP F 145 37.32 -6.61 -0.30
N GLN F 146 38.53 -6.24 0.11
CA GLN F 146 38.74 -4.91 0.69
C GLN F 146 38.49 -3.82 -0.34
N ALA F 147 38.90 -4.06 -1.59
CA ALA F 147 38.61 -3.11 -2.67
C ALA F 147 37.12 -3.07 -2.98
N ALA F 148 36.44 -4.20 -2.88
CA ALA F 148 35.00 -4.23 -3.16
C ALA F 148 34.21 -3.55 -2.06
N ALA F 149 34.51 -3.87 -0.79
CA ALA F 149 33.79 -3.25 0.31
C ALA F 149 34.05 -1.75 0.37
N GLN F 150 35.21 -1.31 -0.09
CA GLN F 150 35.46 0.12 -0.20
C GLN F 150 34.57 0.73 -1.27
N LEU F 151 34.73 0.27 -2.51
CA LEU F 151 33.95 0.80 -3.63
C LEU F 151 32.45 0.71 -3.38
N ALA F 152 32.01 -0.22 -2.53
CA ALA F 152 30.62 -0.24 -2.10
C ALA F 152 30.30 1.00 -1.26
N GLN F 153 31.23 1.41 -0.39
CA GLN F 153 31.02 2.60 0.42
C GLN F 153 31.17 3.88 -0.40
N ASP F 154 32.02 3.86 -1.43
CA ASP F 154 32.21 5.03 -2.27
C ASP F 154 30.93 5.40 -3.02
N ASN F 155 30.36 4.43 -3.72
CA ASN F 155 29.31 4.70 -4.69
C ASN F 155 27.91 4.36 -4.18
N CYS F 156 27.75 4.09 -2.89
CA CYS F 156 26.41 3.80 -2.38
C CYS F 156 25.58 5.07 -2.27
N GLU F 157 26.20 6.18 -1.87
CA GLU F 157 25.50 7.46 -1.84
C GLU F 157 24.85 7.74 -3.19
N LEU F 158 25.60 7.55 -4.28
CA LEU F 158 25.02 7.67 -5.60
C LEU F 158 23.97 6.59 -5.84
N ALA F 159 24.24 5.37 -5.37
CA ALA F 159 23.36 4.24 -5.68
C ALA F 159 21.97 4.42 -5.07
N CYS F 160 21.90 4.99 -3.86
CA CYS F 160 20.60 5.26 -3.25
C CYS F 160 20.02 6.60 -3.67
N CYS F 161 20.87 7.59 -3.96
CA CYS F 161 20.37 8.82 -4.57
C CYS F 161 19.58 8.52 -5.84
N PHE F 162 19.95 7.43 -6.53
CA PHE F 162 19.19 6.98 -7.70
C PHE F 162 17.82 6.49 -7.30
N ILE F 163 17.75 5.59 -6.31
CA ILE F 163 16.46 5.06 -5.87
C ILE F 163 15.63 6.14 -5.20
N GLN F 164 16.28 7.12 -4.57
CA GLN F 164 15.55 8.24 -3.96
C GLN F 164 14.82 9.06 -5.01
N LYS F 165 15.54 9.47 -6.05
CA LYS F 165 14.94 10.27 -7.11
C LYS F 165 13.83 9.51 -7.83
N THR F 166 13.97 8.19 -7.97
CA THR F 166 12.91 7.40 -8.60
C THR F 166 11.61 7.50 -7.81
N ALA F 167 11.70 7.38 -6.48
CA ALA F 167 10.50 7.43 -5.65
C ALA F 167 9.85 8.81 -5.68
N VAL F 168 10.66 9.86 -5.71
CA VAL F 168 10.10 11.22 -5.75
C VAL F 168 9.42 11.48 -7.08
N GLU F 169 9.99 10.98 -8.18
CA GLU F 169 9.36 11.14 -9.48
C GLU F 169 8.09 10.31 -9.63
N LYS F 170 7.98 9.22 -8.85
CA LYS F 170 6.74 8.44 -8.80
C LYS F 170 5.77 8.95 -7.73
N ALA F 171 6.26 9.74 -6.77
CA ALA F 171 5.40 10.24 -5.71
C ALA F 171 4.44 11.31 -6.21
N GLY F 172 4.85 12.08 -7.22
CA GLY F 172 4.02 13.12 -7.78
C GLY F 172 2.66 12.65 -8.24
N PRO F 173 2.62 11.72 -9.21
CA PRO F 173 1.33 11.22 -9.68
C PRO F 173 0.47 10.58 -8.60
N GLU F 174 1.07 9.87 -7.66
CA GLU F 174 0.29 9.21 -6.61
C GLU F 174 -0.29 10.23 -5.65
N MET F 175 0.45 11.31 -5.36
CA MET F 175 -0.07 12.36 -4.49
C MET F 175 -1.22 13.11 -5.17
N ASP F 176 -1.09 13.38 -6.48
CA ASP F 176 -2.17 14.01 -7.22
C ASP F 176 -3.44 13.18 -7.22
N LYS F 177 -3.34 11.87 -6.97
CA LYS F 177 -4.50 11.00 -6.97
C LYS F 177 -5.32 11.16 -5.69
N ARG F 178 -4.66 11.23 -4.53
CA ARG F 178 -5.40 11.24 -3.27
C ARG F 178 -5.83 12.65 -2.88
N LEU F 179 -5.12 13.66 -3.34
CA LEU F 179 -5.60 15.04 -3.20
C LEU F 179 -6.56 15.43 -4.30
N ALA F 180 -6.86 14.53 -5.24
CA ALA F 180 -7.82 14.84 -6.29
C ALA F 180 -9.18 15.20 -5.71
N THR F 181 -9.51 14.66 -4.53
CA THR F 181 -10.69 15.10 -3.81
C THR F 181 -10.56 16.57 -3.42
N GLU F 182 -9.52 16.88 -2.63
CA GLU F 182 -9.34 18.23 -2.11
C GLU F 182 -9.12 19.25 -3.22
N PHE F 183 -8.49 18.83 -4.32
CA PHE F 183 -8.26 19.74 -5.44
C PHE F 183 -9.55 20.13 -6.14
N GLU F 184 -10.62 19.36 -5.94
CA GLU F 184 -11.87 19.61 -6.63
C GLU F 184 -12.76 20.59 -5.88
N LEU F 185 -12.95 20.40 -4.57
CA LEU F 185 -13.85 21.25 -3.82
C LEU F 185 -13.45 22.72 -3.87
N ARG F 186 -12.18 23.01 -4.17
CA ARG F 186 -11.73 24.38 -4.36
C ARG F 186 -11.93 24.85 -5.79
N LYS F 187 -11.86 23.94 -6.76
CA LYS F 187 -12.28 24.27 -8.11
C LYS F 187 -13.80 24.35 -8.21
N HIS F 188 -14.50 23.39 -7.60
CA HIS F 188 -15.96 23.34 -7.69
C HIS F 188 -16.59 24.53 -6.96
N ALA F 189 -16.10 24.85 -5.76
CA ALA F 189 -16.62 26.02 -5.06
C ALA F 189 -16.28 27.31 -5.78
N ARG F 190 -15.14 27.34 -6.48
CA ARG F 190 -14.77 28.53 -7.25
C ARG F 190 -15.79 28.82 -8.35
N GLN F 191 -16.38 27.76 -8.94
CA GLN F 191 -17.39 27.98 -9.98
C GLN F 191 -18.64 28.64 -9.44
N GLU F 192 -18.93 28.45 -8.15
CA GLU F 192 -20.07 29.09 -7.51
C GLU F 192 -19.71 30.43 -6.88
N GLY F 193 -18.63 31.07 -7.34
CA GLY F 193 -18.21 32.35 -6.81
C GLY F 193 -17.85 32.34 -5.34
N ARG F 194 -17.57 31.17 -4.77
CA ARG F 194 -17.27 31.04 -3.36
C ARG F 194 -15.89 30.42 -3.17
N ARG F 195 -15.29 30.69 -2.03
CA ARG F 195 -14.04 30.07 -1.64
C ARG F 195 -14.33 28.81 -0.82
N TYR F 196 -13.60 27.73 -1.09
CA TYR F 196 -13.78 26.52 -0.30
C TYR F 196 -13.18 26.71 1.09
N CYS F 197 -13.94 26.32 2.10
CA CYS F 197 -13.48 26.34 3.49
C CYS F 197 -14.04 25.11 4.18
N ASP F 198 -13.14 24.17 4.56
CA ASP F 198 -13.54 22.95 5.26
C ASP F 198 -14.43 23.32 6.44
N PRO F 199 -15.72 23.00 6.38
CA PRO F 199 -16.65 23.52 7.40
C PRO F 199 -16.34 23.05 8.81
N VAL F 200 -15.77 21.86 8.98
CA VAL F 200 -15.45 21.39 10.33
C VAL F 200 -14.21 22.11 10.86
N VAL F 201 -13.25 22.41 10.00
CA VAL F 201 -12.07 23.15 10.44
C VAL F 201 -12.45 24.60 10.73
N LEU F 202 -13.36 25.16 9.92
CA LEU F 202 -13.82 26.53 10.16
C LEU F 202 -14.49 26.66 11.52
N THR F 203 -15.29 25.66 11.90
CA THR F 203 -15.96 25.72 13.19
C THR F 203 -14.97 25.50 14.33
N TYR F 204 -14.03 24.57 14.17
CA TYR F 204 -13.09 24.27 15.24
C TYR F 204 -12.15 25.44 15.51
N GLN F 205 -11.56 26.01 14.46
CA GLN F 205 -10.63 27.12 14.66
C GLN F 205 -11.33 28.34 15.26
N ALA F 206 -12.60 28.54 14.94
CA ALA F 206 -13.31 29.72 15.43
C ALA F 206 -13.77 29.53 16.88
N GLU F 207 -14.22 28.32 17.22
CA GLU F 207 -14.85 28.09 18.52
C GLU F 207 -13.88 27.62 19.59
N ARG F 208 -12.78 26.96 19.23
CA ARG F 208 -11.92 26.32 20.23
C ARG F 208 -10.44 26.61 20.03
N MET F 209 -10.08 27.61 19.23
CA MET F 209 -8.68 27.88 18.96
C MET F 209 -8.33 29.33 19.30
N PRO F 210 -7.24 29.56 20.05
CA PRO F 210 -6.81 30.94 20.32
C PRO F 210 -6.40 31.65 19.03
N GLU F 211 -6.55 32.97 19.03
CA GLU F 211 -6.25 33.76 17.84
C GLU F 211 -4.80 33.56 17.40
N GLN F 212 -3.86 33.73 18.33
CA GLN F 212 -2.44 33.76 17.98
C GLN F 212 -1.99 32.52 17.22
N ILE F 213 -2.69 31.39 17.41
CA ILE F 213 -2.43 30.17 16.66
C ILE F 213 -3.55 29.84 15.69
N ARG F 214 -4.57 30.69 15.59
CA ARG F 214 -5.73 30.38 14.76
C ARG F 214 -5.35 30.39 13.28
N LEU F 215 -5.97 29.48 12.52
CA LEU F 215 -5.73 29.39 11.09
C LEU F 215 -6.42 30.55 10.38
N LYS F 216 -5.65 31.34 9.64
CA LYS F 216 -6.22 32.45 8.89
C LYS F 216 -7.16 31.92 7.81
N VAL F 217 -8.32 32.57 7.69
CA VAL F 217 -9.37 32.06 6.81
C VAL F 217 -8.99 32.25 5.35
N GLY F 218 -8.62 33.47 4.98
CA GLY F 218 -8.37 33.81 3.58
C GLY F 218 -7.34 32.94 2.89
N GLY F 219 -6.14 32.91 3.40
CA GLY F 219 -5.08 32.15 2.77
C GLY F 219 -4.02 31.82 3.77
N VAL F 220 -2.78 31.68 3.28
CA VAL F 220 -1.67 31.28 4.13
C VAL F 220 -0.56 32.32 4.05
N ASP F 221 0.02 32.64 5.20
CA ASP F 221 1.03 33.67 5.32
C ASP F 221 2.40 33.14 4.90
N PRO F 222 3.25 34.00 4.33
CA PRO F 222 4.52 33.50 3.79
C PRO F 222 5.53 33.12 4.86
N LYS F 223 5.42 33.72 6.05
CA LYS F 223 6.29 33.31 7.15
C LYS F 223 5.89 31.94 7.69
N GLN F 224 4.63 31.55 7.50
CA GLN F 224 4.17 30.24 7.95
C GLN F 224 4.51 29.14 6.95
N LEU F 225 4.84 29.47 5.70
CA LEU F 225 5.17 28.46 4.70
C LEU F 225 6.59 27.94 4.83
N ALA F 226 7.35 28.37 5.83
CA ALA F 226 8.76 28.01 5.91
C ALA F 226 8.94 26.50 6.00
N VAL F 227 8.04 25.81 6.71
CA VAL F 227 8.17 24.34 6.83
C VAL F 227 8.02 23.69 5.45
N TYR F 228 6.99 24.07 4.70
CA TYR F 228 6.78 23.47 3.39
C TYR F 228 7.75 24.01 2.37
N GLU F 229 8.34 25.19 2.62
CA GLU F 229 9.36 25.71 1.72
C GLU F 229 10.71 25.06 1.98
N GLU F 230 11.05 24.83 3.25
CA GLU F 230 12.29 24.11 3.57
C GLU F 230 12.19 22.65 3.18
N PHE F 231 10.99 22.09 3.10
CA PHE F 231 10.82 20.73 2.60
C PHE F 231 11.38 20.57 1.19
N ALA F 232 11.42 21.67 0.42
CA ALA F 232 12.02 21.65 -0.91
C ALA F 232 13.49 22.06 -0.89
N ARG F 233 13.86 22.98 0.01
CA ARG F 233 15.24 23.43 0.11
C ARG F 233 16.17 22.28 0.49
N ASN F 234 15.97 21.72 1.69
CA ASN F 234 16.80 20.65 2.21
C ASN F 234 16.07 19.32 1.97
N VAL F 235 16.52 18.58 0.98
CA VAL F 235 16.02 17.24 0.69
C VAL F 235 17.01 16.24 1.27
N PRO F 236 16.57 15.28 2.10
CA PRO F 236 17.51 14.32 2.70
C PRO F 236 18.22 13.50 1.64
N GLY F 237 19.55 13.57 1.65
CA GLY F 237 20.38 12.82 0.74
C GLY F 237 20.94 13.61 -0.43
N PHE F 238 20.52 14.86 -0.61
CA PHE F 238 20.93 15.66 -1.76
C PHE F 238 21.47 17.01 -1.30
N LEU F 239 22.04 17.74 -2.25
CA LEU F 239 22.45 19.12 -2.01
C LEU F 239 21.22 19.98 -1.72
N PRO F 240 21.34 20.99 -0.86
CA PRO F 240 20.34 22.07 -0.87
C PRO F 240 20.42 22.83 -2.18
N THR F 241 19.30 23.46 -2.55
CA THR F 241 19.22 24.17 -3.82
C THR F 241 19.18 25.68 -3.60
N ASN F 242 17.98 26.21 -3.32
CA ASN F 242 17.82 27.64 -3.01
C ASN F 242 17.96 27.84 -1.50
N ASP F 243 19.20 27.66 -1.04
CA ASP F 243 19.46 27.59 0.39
C ASP F 243 19.36 28.97 1.03
N LEU F 244 18.67 29.04 2.17
CA LEU F 244 18.55 30.27 2.96
C LEU F 244 18.37 29.91 4.44
C1 BU1 G . -25.61 -2.60 -22.26
C2 BU1 G . -25.37 -2.96 -23.72
C3 BU1 G . -25.19 -1.66 -24.52
C4 BU1 G . -26.46 -0.83 -24.39
O5 BU1 G . -26.79 -3.20 -21.81
O6 BU1 G . -26.28 0.41 -25.03
C1 BU1 H . -20.99 0.25 -20.41
C2 BU1 H . -19.54 0.36 -20.88
C3 BU1 H . -19.48 1.16 -22.18
C4 BU1 H . -19.32 2.65 -21.90
O5 BU1 H . -21.53 -0.97 -20.85
O6 BU1 H . -18.93 3.31 -23.07
C1 BU1 I . -17.40 15.13 -8.79
C2 BU1 I . -16.94 15.76 -10.11
C3 BU1 I . -17.75 17.02 -10.39
C4 BU1 I . -17.07 17.87 -11.45
O5 BU1 I . -17.62 13.76 -8.95
O6 BU1 I . -17.29 17.32 -12.72
C1 BU1 J . -30.30 8.31 21.94
C2 BU1 J . -30.07 8.55 23.43
C3 BU1 J . -31.29 8.10 24.22
C4 BU1 J . -32.34 9.22 24.25
O5 BU1 J . -30.16 9.52 21.25
O6 BU1 J . -33.11 9.18 23.08
C1 BU1 K . -0.64 -27.44 -15.82
C2 BU1 K . 0.18 -26.33 -16.47
C3 BU1 K . 1.60 -26.35 -15.89
C4 BU1 K . 2.54 -27.06 -16.87
O5 BU1 K . -1.91 -26.96 -15.49
O6 BU1 K . 3.65 -27.54 -16.17
C1 BU1 L . 20.61 3.34 28.62
C2 BU1 L . 19.98 2.06 29.16
C3 BU1 L . 20.99 1.38 30.09
C4 BU1 L . 20.35 0.13 30.69
O5 BU1 L . 21.84 3.04 28.02
O6 BU1 L . 19.64 0.48 31.85
#